data_2J88
#
_entry.id   2J88
#
_cell.length_a   151.563
_cell.length_b   70.050
_cell.length_c   138.880
_cell.angle_alpha   90.00
_cell.angle_beta   123.68
_cell.angle_gamma   90.00
#
_symmetry.space_group_name_H-M   'C 1 2 1'
#
loop_
_entity.id
_entity.type
_entity.pdbx_description
1 polymer HYALURONONGLUCOSAMINIDASE
2 polymer FAB
3 polymer FAB
4 water water
#
loop_
_entity_poly.entity_id
_entity_poly.type
_entity_poly.pdbx_seq_one_letter_code
_entity_poly.pdbx_strand_id
1 'polypeptide(L)'
;TPDNNKTVREFNVYWNVPTFMCHKYGLRFEEVSEKYGILQNWMDKFRGEEIAILYDPGMFPALLKDPNGNVVARNGGVPQ
LGNLTKHLQVFRDHLINQIPDKSFPGVGVIDFESWRPIFRQNWASLQPYKKLSVEVVRREHPFWDDQRVEQEAKRRFEKY
GQLFMEETLKAAKRMRPAANWGYYAYPYCYNLTPNQPSAQCEATTMQENDKMSWLFESEDVLLPSVYLRWNLTSGERVGL
VGGRVKEALRIARQMTTSRKKVLPYYWYKYQDRRDTDLSRADLEATLRKITDLGADGFIIWGSSDDINTKAKCLQFREYL
NNELGPAVKRIALNNNANDRLTVDVSVDQV
;
A
2 'polypeptide(L)'
;QVTLKESGPGILQPSQTLSLTCSFSGFSLSTSGMGVSWIRQPSGKGLEWLAHIYWDDDKRYNPSLKSRLTISKDTSRNQV
FLKITSVDTADTATYYCTLYYGSVDYWGQGTSVTVSSAKTTPPSVYPLAPGSAAQTNSMVTLGCLVKGYFPEPVTVTWNS
GSLSSGVHTFPAVLQSDLYTLSSSVTVPSST
;
H
3 'polypeptide(L)'
;DIQMTQSPASLSASVGETVTITCRASENIYSYLTWYQQKQGKSPQLLVYNAKTLAEGVPSRFSGSGSGTQFSLKISSLQP
EDFGNYYCQHHYGTRTFGGGTRLEIKRADAAPTVSIFPPSSEQLTSGGASVVCFLNNFYPKDINVKWKIDGSERQNGVLN
SWTDQDSKDSTYSMSSTLTLTKDEYERHNSYTCEATHKTSTSPIVKSFNRNEC
;
L
#
# COMPACT_ATOMS: atom_id res chain seq x y z
N GLU A 10 5.70 -43.47 -24.89
CA GLU A 10 5.79 -43.76 -23.46
C GLU A 10 4.81 -42.96 -22.61
N PHE A 11 4.08 -43.66 -21.77
CA PHE A 11 3.01 -43.06 -20.98
C PHE A 11 2.85 -43.89 -19.71
N ASN A 12 3.05 -43.26 -18.56
CA ASN A 12 2.98 -43.96 -17.29
C ASN A 12 2.02 -43.26 -16.34
N VAL A 13 1.07 -44.03 -15.83
CA VAL A 13 0.14 -43.57 -14.81
C VAL A 13 0.63 -44.04 -13.45
N TYR A 14 0.54 -43.16 -12.44
CA TYR A 14 1.02 -43.42 -11.09
C TYR A 14 -0.11 -43.38 -10.07
N TRP A 15 -0.10 -44.37 -9.18
CA TRP A 15 -1.06 -44.47 -8.09
C TRP A 15 -0.58 -43.72 -6.87
N ASN A 16 -1.28 -42.66 -6.51
CA ASN A 16 -0.96 -41.97 -5.27
C ASN A 16 -2.20 -41.82 -4.40
N VAL A 17 -3.08 -42.81 -4.46
CA VAL A 17 -4.27 -42.86 -3.58
C VAL A 17 -3.85 -43.62 -2.34
N PRO A 18 -4.18 -43.08 -1.14
CA PRO A 18 -3.65 -43.64 0.12
C PRO A 18 -4.35 -44.91 0.59
N THR A 19 -4.40 -45.93 -0.28
CA THR A 19 -5.09 -47.17 0.03
C THR A 19 -4.42 -47.99 1.13
N PHE A 20 -3.26 -47.54 1.61
CA PHE A 20 -2.69 -48.07 2.88
C PHE A 20 -3.74 -48.06 3.99
N MET A 21 -4.65 -47.10 3.92
CA MET A 21 -5.74 -46.98 4.88
C MET A 21 -6.79 -48.08 4.84
N CYS A 22 -6.83 -48.85 3.76
CA CYS A 22 -7.68 -50.00 3.64
C CYS A 22 -6.96 -51.29 4.04
N HIS A 23 -5.63 -51.25 4.17
CA HIS A 23 -4.86 -52.46 4.48
C HIS A 23 -5.29 -53.11 5.80
N LYS A 24 -5.72 -52.31 6.76
CA LYS A 24 -6.25 -52.81 8.04
C LYS A 24 -7.56 -53.59 7.90
N TYR A 25 -8.19 -53.57 6.73
CA TYR A 25 -9.35 -54.41 6.46
C TYR A 25 -9.01 -55.52 5.48
N GLY A 26 -7.75 -55.60 5.05
CA GLY A 26 -7.30 -56.65 4.14
C GLY A 26 -7.38 -56.27 2.67
N LEU A 27 -7.60 -54.98 2.38
CA LEU A 27 -7.80 -54.50 1.03
C LEU A 27 -6.51 -53.84 0.54
N ARG A 28 -5.81 -54.58 -0.32
CA ARG A 28 -4.44 -54.25 -0.72
C ARG A 28 -4.36 -53.57 -2.08
N PHE A 29 -5.41 -53.69 -2.90
CA PHE A 29 -5.47 -53.01 -4.18
C PHE A 29 -4.34 -53.42 -5.15
N GLU A 30 -4.10 -54.74 -5.25
CA GLU A 30 -3.08 -55.28 -6.17
C GLU A 30 -3.49 -55.19 -7.65
N GLU A 31 -4.78 -55.17 -7.93
CA GLU A 31 -5.28 -55.06 -9.30
C GLU A 31 -4.84 -53.76 -9.97
N VAL A 32 -4.49 -52.76 -9.17
CA VAL A 32 -4.10 -51.46 -9.70
C VAL A 32 -2.95 -51.65 -10.70
N SER A 33 -1.96 -52.45 -10.33
CA SER A 33 -0.86 -52.75 -11.23
C SER A 33 -1.08 -54.08 -11.96
N GLU A 34 -1.69 -55.05 -11.29
CA GLU A 34 -1.87 -56.38 -11.91
C GLU A 34 -2.84 -56.34 -13.08
N LYS A 35 -4.05 -55.81 -12.87
CA LYS A 35 -5.02 -55.66 -13.97
C LYS A 35 -4.82 -54.41 -14.83
N TYR A 36 -4.60 -53.27 -14.19
CA TYR A 36 -4.74 -51.98 -14.89
C TYR A 36 -3.44 -51.31 -15.34
N GLY A 37 -2.31 -51.91 -15.01
CA GLY A 37 -1.02 -51.42 -15.50
C GLY A 37 -0.58 -50.09 -14.90
N ILE A 38 -1.16 -49.72 -13.76
CA ILE A 38 -0.78 -48.46 -13.12
C ILE A 38 0.48 -48.73 -12.32
N LEU A 39 1.43 -47.78 -12.35
CA LEU A 39 2.65 -47.92 -11.55
C LEU A 39 2.30 -47.68 -10.08
N GLN A 40 2.59 -48.71 -9.28
CA GLN A 40 2.20 -48.80 -7.88
C GLN A 40 3.40 -49.18 -7.04
N ASN A 41 3.64 -48.45 -5.97
CA ASN A 41 4.65 -48.86 -4.97
C ASN A 41 4.48 -50.34 -4.57
N TRP A 42 5.58 -51.00 -4.30
CA TRP A 42 5.59 -52.40 -3.90
C TRP A 42 4.83 -52.59 -2.59
N MET A 43 3.89 -53.54 -2.58
CA MET A 43 3.00 -53.83 -1.43
C MET A 43 2.04 -52.68 -1.12
N ASP A 44 1.83 -51.81 -2.10
CA ASP A 44 0.96 -50.65 -1.94
C ASP A 44 1.33 -49.77 -0.73
N LYS A 45 2.63 -49.69 -0.42
CA LYS A 45 3.12 -48.67 0.50
C LYS A 45 2.80 -47.27 -0.05
N PHE A 46 2.56 -46.32 0.85
CA PHE A 46 2.27 -44.95 0.47
C PHE A 46 3.49 -44.29 -0.16
N ARG A 47 4.66 -44.60 0.38
CA ARG A 47 5.95 -44.16 -0.16
C ARG A 47 6.82 -45.35 -0.50
N GLY A 48 7.47 -45.29 -1.65
CA GLY A 48 8.26 -46.40 -2.13
C GLY A 48 8.95 -46.07 -3.43
N GLU A 49 9.39 -47.10 -4.12
CA GLU A 49 10.27 -46.94 -5.28
C GLU A 49 9.67 -46.28 -6.54
N GLU A 50 8.34 -46.15 -6.63
CA GLU A 50 7.71 -45.49 -7.79
C GLU A 50 7.33 -44.05 -7.49
N ILE A 51 6.85 -43.80 -6.28
CA ILE A 51 6.41 -42.45 -5.92
C ILE A 51 6.45 -42.19 -4.41
N ALA A 52 6.66 -40.93 -4.05
CA ALA A 52 6.71 -40.53 -2.65
C ALA A 52 6.45 -39.04 -2.55
N ILE A 53 5.46 -38.65 -1.75
CA ILE A 53 5.17 -37.24 -1.56
C ILE A 53 5.71 -36.83 -0.18
N LEU A 54 6.32 -35.65 -0.13
CA LEU A 54 6.72 -35.06 1.14
C LEU A 54 5.81 -33.86 1.35
N TYR A 55 4.79 -34.03 2.18
CA TYR A 55 3.87 -32.92 2.51
C TYR A 55 4.42 -31.96 3.58
N ASP A 56 4.63 -30.70 3.19
CA ASP A 56 4.98 -29.63 4.12
C ASP A 56 6.27 -29.94 4.90
N PRO A 57 7.30 -30.48 4.22
CA PRO A 57 8.52 -30.86 4.93
C PRO A 57 9.31 -29.67 5.40
N GLY A 58 10.26 -29.92 6.28
CA GLY A 58 11.04 -28.85 6.88
C GLY A 58 10.21 -27.84 7.65
N MET A 59 10.72 -26.60 7.69
CA MET A 59 10.04 -25.48 8.33
C MET A 59 9.97 -24.31 7.35
N PHE A 60 9.25 -24.48 6.24
CA PHE A 60 9.01 -23.40 5.28
C PHE A 60 8.41 -22.21 6.03
N PRO A 61 8.85 -20.97 5.74
CA PRO A 61 8.15 -19.86 6.40
C PRO A 61 6.68 -19.81 6.00
N ALA A 62 5.77 -19.65 6.95
CA ALA A 62 4.34 -19.65 6.64
C ALA A 62 3.48 -18.98 7.71
N LEU A 63 2.20 -18.82 7.39
CA LEU A 63 1.22 -18.24 8.30
C LEU A 63 0.08 -19.24 8.55
N LEU A 64 0.20 -20.01 9.62
CA LEU A 64 -0.73 -21.10 9.94
C LEU A 64 -1.92 -20.59 10.74
N LYS A 65 -3.13 -20.95 10.29
CA LYS A 65 -4.36 -20.34 10.79
C LYS A 65 -4.73 -20.78 12.21
N VAL A 71 -3.90 -18.15 13.93
CA VAL A 71 -3.02 -17.44 13.00
C VAL A 71 -1.66 -17.17 13.65
N VAL A 72 -0.62 -17.84 13.16
CA VAL A 72 0.73 -17.74 13.74
C VAL A 72 1.79 -17.75 12.65
N ALA A 73 2.93 -17.09 12.91
CA ALA A 73 4.03 -16.99 11.96
C ALA A 73 5.11 -18.05 12.23
N ARG A 74 5.15 -19.09 11.40
CA ARG A 74 6.20 -20.08 11.48
C ARG A 74 7.40 -19.58 10.70
N ASN A 75 8.58 -19.65 11.32
CA ASN A 75 9.87 -19.35 10.69
C ASN A 75 9.81 -18.07 9.86
N GLY A 76 9.37 -17.00 10.49
CA GLY A 76 9.33 -15.68 9.88
C GLY A 76 8.00 -15.25 9.30
N GLY A 77 7.07 -16.20 9.13
CA GLY A 77 5.81 -15.89 8.46
C GLY A 77 5.96 -15.80 6.94
N VAL A 78 6.77 -14.85 6.47
CA VAL A 78 7.07 -14.70 5.05
C VAL A 78 8.53 -15.05 4.78
N PRO A 79 8.84 -15.57 3.59
CA PRO A 79 10.19 -16.02 3.23
C PRO A 79 11.32 -15.03 3.48
N GLN A 80 11.04 -13.73 3.37
CA GLN A 80 12.05 -12.69 3.51
C GLN A 80 12.41 -12.42 4.98
N LEU A 81 11.70 -13.06 5.90
CA LEU A 81 12.05 -13.03 7.32
C LEU A 81 12.54 -14.40 7.80
N GLY A 82 12.64 -15.36 6.90
CA GLY A 82 12.92 -16.75 7.30
C GLY A 82 14.38 -17.13 7.49
N ASN A 83 14.61 -18.09 8.38
CA ASN A 83 15.91 -18.70 8.54
C ASN A 83 16.00 -19.94 7.62
N LEU A 84 16.85 -19.82 6.59
CA LEU A 84 17.05 -20.89 5.58
C LEU A 84 17.72 -22.10 6.22
N THR A 85 18.74 -21.84 7.04
CA THR A 85 19.50 -22.89 7.68
C THR A 85 18.58 -23.79 8.51
N LYS A 86 17.70 -23.15 9.30
CA LYS A 86 16.76 -23.89 10.13
C LYS A 86 15.85 -24.74 9.25
N HIS A 87 15.30 -24.15 8.20
CA HIS A 87 14.46 -24.90 7.27
C HIS A 87 15.16 -26.13 6.70
N LEU A 88 16.40 -25.97 6.26
CA LEU A 88 17.12 -27.06 5.60
C LEU A 88 17.48 -28.18 6.57
N GLN A 89 17.89 -27.84 7.79
CA GLN A 89 18.09 -28.83 8.84
C GLN A 89 16.89 -29.76 8.96
N VAL A 90 15.71 -29.19 9.17
CA VAL A 90 14.49 -29.97 9.42
C VAL A 90 14.04 -30.72 8.14
N PHE A 91 14.22 -30.09 6.99
CA PHE A 91 13.90 -30.73 5.71
C PHE A 91 14.71 -32.02 5.51
N ARG A 92 16.00 -31.95 5.79
CA ARG A 92 16.88 -33.12 5.67
C ARG A 92 16.38 -34.24 6.58
N ASP A 93 16.10 -33.90 7.85
CA ASP A 93 15.53 -34.84 8.80
C ASP A 93 14.28 -35.53 8.25
N HIS A 94 13.37 -34.73 7.69
CA HIS A 94 12.11 -35.24 7.16
C HIS A 94 12.34 -36.10 5.92
N LEU A 95 13.16 -35.63 4.99
CA LEU A 95 13.45 -36.40 3.80
C LEU A 95 14.03 -37.76 4.21
N ILE A 96 15.00 -37.76 5.10
CA ILE A 96 15.65 -39.02 5.56
C ILE A 96 14.64 -39.97 6.25
N ASN A 97 13.78 -39.39 7.09
CA ASN A 97 12.66 -40.11 7.70
C ASN A 97 11.71 -40.72 6.67
N GLN A 98 11.25 -39.89 5.72
CA GLN A 98 10.19 -40.29 4.81
C GLN A 98 10.68 -41.16 3.66
N ILE A 99 11.89 -40.88 3.16
CA ILE A 99 12.46 -41.57 1.99
C ILE A 99 13.86 -42.06 2.39
N PRO A 100 13.91 -43.14 3.19
CA PRO A 100 15.16 -43.57 3.82
C PRO A 100 16.18 -44.15 2.86
N ASP A 101 15.70 -44.63 1.73
CA ASP A 101 16.51 -45.35 0.76
C ASP A 101 17.18 -44.36 -0.19
N LYS A 102 18.50 -44.17 0.00
CA LYS A 102 19.32 -43.29 -0.85
C LYS A 102 19.14 -43.49 -2.38
N SER A 103 18.82 -44.71 -2.82
CA SER A 103 18.69 -45.04 -4.25
C SER A 103 17.38 -44.60 -4.90
N PHE A 104 16.47 -44.03 -4.13
CA PHE A 104 15.14 -43.67 -4.61
C PHE A 104 15.14 -43.12 -6.06
N PRO A 105 14.60 -43.89 -7.03
CA PRO A 105 14.54 -43.47 -8.43
C PRO A 105 13.18 -42.90 -8.92
N GLY A 106 12.16 -42.96 -8.08
CA GLY A 106 10.80 -42.67 -8.49
C GLY A 106 10.47 -41.18 -8.62
N VAL A 107 9.17 -40.88 -8.58
CA VAL A 107 8.70 -39.50 -8.61
C VAL A 107 8.62 -38.92 -7.20
N GLY A 108 9.30 -37.81 -6.98
CA GLY A 108 9.37 -37.19 -5.68
C GLY A 108 8.57 -35.91 -5.73
N VAL A 109 7.51 -35.82 -4.93
CA VAL A 109 6.65 -34.67 -5.00
C VAL A 109 6.80 -33.86 -3.72
N ILE A 110 7.12 -32.58 -3.85
CA ILE A 110 7.15 -31.71 -2.68
C ILE A 110 5.94 -30.79 -2.74
N ASP A 111 5.20 -30.73 -1.64
CA ASP A 111 4.05 -29.87 -1.55
C ASP A 111 4.17 -29.02 -0.29
N PHE A 112 4.46 -27.73 -0.45
CA PHE A 112 4.56 -26.86 0.73
C PHE A 112 3.34 -25.96 0.87
N GLU A 113 2.80 -25.55 -0.27
CA GLU A 113 1.48 -24.92 -0.38
C GLU A 113 1.27 -23.64 0.43
N SER A 114 2.33 -23.09 1.00
CA SER A 114 2.25 -21.91 1.87
C SER A 114 1.93 -20.67 1.04
N TRP A 115 2.71 -20.44 -0.01
CA TRP A 115 2.63 -19.21 -0.80
C TRP A 115 3.22 -19.42 -2.17
N ARG A 116 2.85 -18.54 -3.10
CA ARG A 116 3.43 -18.54 -4.44
C ARG A 116 4.72 -17.72 -4.43
N PRO A 117 5.72 -18.11 -5.24
CA PRO A 117 6.93 -17.30 -5.37
C PRO A 117 6.73 -16.00 -6.17
N ILE A 118 5.64 -15.91 -6.91
CA ILE A 118 5.23 -14.65 -7.53
C ILE A 118 4.37 -13.88 -6.54
N PHE A 119 4.86 -12.72 -6.12
CA PHE A 119 4.16 -11.86 -5.17
C PHE A 119 2.70 -11.64 -5.58
N ARG A 120 2.49 -11.16 -6.81
CA ARG A 120 1.14 -10.85 -7.32
C ARG A 120 0.14 -12.00 -7.13
N GLN A 121 0.59 -13.24 -7.33
CA GLN A 121 -0.31 -14.42 -7.31
C GLN A 121 -0.74 -14.90 -5.93
N ASN A 122 -0.35 -14.20 -4.87
CA ASN A 122 -0.80 -14.48 -3.51
C ASN A 122 -2.13 -13.77 -3.22
N TRP A 123 -3.17 -14.23 -3.92
CA TRP A 123 -4.52 -13.72 -3.80
C TRP A 123 -5.34 -14.44 -2.76
N ALA A 124 -6.41 -13.75 -2.34
CA ALA A 124 -7.53 -14.36 -1.63
C ALA A 124 -7.05 -14.92 -0.29
N SER A 125 -7.16 -16.24 -0.08
CA SER A 125 -6.72 -16.80 1.18
C SER A 125 -5.24 -16.48 1.42
N LEU A 126 -4.47 -16.36 0.34
CA LEU A 126 -3.03 -16.08 0.43
C LEU A 126 -2.70 -14.60 0.65
N GLN A 127 -3.70 -13.74 0.60
CA GLN A 127 -3.54 -12.28 0.76
C GLN A 127 -2.68 -11.84 1.96
N PRO A 128 -2.82 -12.51 3.13
CA PRO A 128 -1.99 -12.17 4.31
C PRO A 128 -0.49 -12.11 4.06
N TYR A 129 0.02 -12.96 3.18
CA TYR A 129 1.43 -12.89 2.77
C TYR A 129 1.78 -11.53 2.09
N LYS A 130 0.85 -10.96 1.33
CA LYS A 130 1.04 -9.61 0.76
C LYS A 130 1.02 -8.53 1.85
N LYS A 131 0.04 -8.61 2.76
CA LYS A 131 -0.13 -7.64 3.85
C LYS A 131 1.11 -7.57 4.73
N LEU A 132 1.45 -8.69 5.38
CA LEU A 132 2.62 -8.76 6.25
C LEU A 132 3.89 -8.26 5.54
N SER A 133 4.10 -8.66 4.30
CA SER A 133 5.24 -8.17 3.51
C SER A 133 5.23 -6.65 3.44
N VAL A 134 4.08 -6.09 3.13
CA VAL A 134 3.90 -4.64 2.99
C VAL A 134 4.02 -3.94 4.35
N GLU A 135 3.41 -4.56 5.36
CA GLU A 135 3.38 -4.06 6.73
C GLU A 135 4.76 -3.89 7.32
N VAL A 136 5.66 -4.81 7.00
CA VAL A 136 7.05 -4.69 7.45
C VAL A 136 7.69 -3.44 6.83
N VAL A 137 7.54 -3.29 5.50
CA VAL A 137 8.13 -2.16 4.79
C VAL A 137 7.61 -0.81 5.34
N ARG A 138 6.31 -0.71 5.59
CA ARG A 138 5.72 0.51 6.14
C ARG A 138 6.23 0.88 7.55
N ARG A 139 6.48 -0.12 8.39
CA ARG A 139 7.00 0.13 9.73
C ARG A 139 8.41 0.72 9.67
N GLU A 140 9.19 0.30 8.68
CA GLU A 140 10.54 0.83 8.46
C GLU A 140 10.51 2.19 7.77
N HIS A 141 9.65 2.33 6.76
CA HIS A 141 9.58 3.57 5.97
C HIS A 141 8.15 4.14 5.95
N PRO A 142 7.71 4.71 7.09
CA PRO A 142 6.33 5.19 7.23
C PRO A 142 5.91 6.25 6.20
N PHE A 143 6.88 6.97 5.64
CA PHE A 143 6.61 8.05 4.69
C PHE A 143 6.86 7.66 3.21
N TRP A 144 7.16 6.40 2.92
CA TRP A 144 7.21 5.94 1.53
C TRP A 144 5.78 5.89 0.97
N ASP A 145 5.64 6.13 -0.33
CA ASP A 145 4.34 5.99 -1.00
C ASP A 145 4.12 4.56 -1.42
N ASP A 146 2.89 4.25 -1.79
CA ASP A 146 2.48 2.88 -2.12
C ASP A 146 3.28 2.24 -3.26
N GLN A 147 3.67 3.04 -4.24
CA GLN A 147 4.48 2.56 -5.35
C GLN A 147 5.82 1.99 -4.85
N ARG A 148 6.49 2.75 -3.98
CA ARG A 148 7.79 2.34 -3.43
C ARG A 148 7.68 1.13 -2.53
N VAL A 149 6.62 1.13 -1.71
CA VAL A 149 6.39 0.08 -0.74
C VAL A 149 6.11 -1.23 -1.44
N GLU A 150 5.19 -1.18 -2.41
CA GLU A 150 4.84 -2.35 -3.22
C GLU A 150 6.07 -2.89 -3.95
N GLN A 151 6.87 -2.00 -4.53
CA GLN A 151 8.13 -2.37 -5.19
C GLN A 151 9.05 -3.13 -4.26
N GLU A 152 9.27 -2.58 -3.07
CA GLU A 152 10.20 -3.18 -2.11
C GLU A 152 9.73 -4.53 -1.57
N ALA A 153 8.46 -4.60 -1.21
CA ALA A 153 7.84 -5.83 -0.71
C ALA A 153 7.90 -6.97 -1.73
N LYS A 154 7.58 -6.64 -2.98
CA LYS A 154 7.70 -7.56 -4.09
C LYS A 154 9.13 -8.06 -4.24
N ARG A 155 10.06 -7.14 -4.39
CA ARG A 155 11.49 -7.44 -4.51
C ARG A 155 11.95 -8.43 -3.42
N ARG A 156 11.79 -8.04 -2.16
CA ARG A 156 12.23 -8.86 -1.03
C ARG A 156 11.55 -10.22 -1.05
N PHE A 157 10.24 -10.24 -1.27
CA PHE A 157 9.47 -11.47 -1.24
C PHE A 157 9.87 -12.46 -2.34
N GLU A 158 10.03 -11.96 -3.56
CA GLU A 158 10.36 -12.81 -4.68
C GLU A 158 11.80 -13.30 -4.61
N LYS A 159 12.69 -12.44 -4.11
CA LYS A 159 14.12 -12.78 -3.96
C LYS A 159 14.37 -13.93 -2.99
N TYR A 160 13.75 -13.88 -1.81
CA TYR A 160 13.92 -14.92 -0.79
C TYR A 160 12.92 -16.05 -0.98
N GLY A 161 11.82 -15.80 -1.67
CA GLY A 161 10.87 -16.85 -2.00
C GLY A 161 11.45 -17.83 -3.00
N GLN A 162 12.18 -17.29 -3.98
CA GLN A 162 12.93 -18.13 -4.89
C GLN A 162 14.05 -18.87 -4.15
N LEU A 163 14.71 -18.18 -3.24
CA LEU A 163 15.81 -18.78 -2.50
C LEU A 163 15.33 -20.01 -1.75
N PHE A 164 14.19 -19.90 -1.06
CA PHE A 164 13.64 -21.00 -0.28
C PHE A 164 13.15 -22.17 -1.15
N MET A 165 12.55 -21.89 -2.30
CA MET A 165 12.08 -22.97 -3.16
C MET A 165 13.24 -23.65 -3.91
N GLU A 166 14.20 -22.85 -4.35
CA GLU A 166 15.32 -23.33 -5.16
C GLU A 166 16.31 -24.12 -4.32
N GLU A 167 16.62 -23.62 -3.13
CA GLU A 167 17.51 -24.33 -2.22
C GLU A 167 16.96 -25.68 -1.73
N THR A 168 15.67 -25.75 -1.46
CA THR A 168 15.07 -27.01 -1.02
C THR A 168 15.10 -28.05 -2.12
N LEU A 169 14.80 -27.63 -3.35
CA LEU A 169 14.91 -28.49 -4.52
C LEU A 169 16.33 -28.97 -4.72
N LYS A 170 17.29 -28.05 -4.66
CA LYS A 170 18.72 -28.43 -4.78
C LYS A 170 19.12 -29.47 -3.73
N ALA A 171 18.73 -29.25 -2.48
CA ALA A 171 19.05 -30.18 -1.39
C ALA A 171 18.41 -31.54 -1.61
N ALA A 172 17.15 -31.53 -2.05
CA ALA A 172 16.44 -32.74 -2.41
C ALA A 172 17.17 -33.54 -3.47
N LYS A 173 17.64 -32.88 -4.53
CA LYS A 173 18.33 -33.58 -5.63
C LYS A 173 19.71 -34.08 -5.19
N ARG A 174 20.44 -33.24 -4.48
CA ARG A 174 21.72 -33.64 -3.89
C ARG A 174 21.56 -34.90 -3.05
N MET A 175 20.47 -34.99 -2.30
CA MET A 175 20.27 -36.08 -1.36
C MET A 175 19.73 -37.34 -2.00
N ARG A 176 18.76 -37.18 -2.89
CA ARG A 176 18.23 -38.31 -3.66
C ARG A 176 18.40 -38.03 -5.16
N PRO A 177 19.63 -38.18 -5.67
CA PRO A 177 19.97 -37.73 -7.02
C PRO A 177 19.33 -38.48 -8.20
N ALA A 178 18.77 -39.66 -7.97
CA ALA A 178 18.15 -40.42 -9.07
C ALA A 178 16.64 -40.23 -9.11
N ALA A 179 16.12 -39.42 -8.22
CA ALA A 179 14.70 -39.20 -8.17
C ALA A 179 14.26 -38.14 -9.18
N ASN A 180 13.00 -38.18 -9.55
CA ASN A 180 12.42 -37.18 -10.42
C ASN A 180 11.61 -36.23 -9.55
N TRP A 181 12.20 -35.10 -9.18
CA TRP A 181 11.59 -34.19 -8.22
C TRP A 181 10.71 -33.11 -8.89
N GLY A 182 9.57 -32.81 -8.26
CA GLY A 182 8.80 -31.64 -8.63
C GLY A 182 7.95 -31.07 -7.51
N TYR A 183 7.66 -29.77 -7.59
CA TYR A 183 6.69 -29.13 -6.71
C TYR A 183 5.28 -29.43 -7.19
N TYR A 184 4.39 -29.78 -6.26
CA TYR A 184 2.99 -30.01 -6.58
C TYR A 184 2.31 -28.71 -7.06
N ALA A 185 1.57 -28.82 -8.16
CA ALA A 185 0.69 -27.77 -8.71
C ALA A 185 1.35 -26.75 -9.64
N TYR A 186 2.67 -26.78 -9.76
CA TYR A 186 3.39 -25.85 -10.66
C TYR A 186 3.58 -26.50 -12.02
N PRO A 187 3.38 -25.75 -13.09
CA PRO A 187 3.04 -24.36 -13.20
C PRO A 187 1.55 -24.10 -13.00
N TYR A 188 1.26 -22.98 -12.36
CA TYR A 188 -0.10 -22.53 -12.21
C TYR A 188 -0.53 -21.84 -13.50
N CYS A 189 -1.83 -21.64 -13.61
CA CYS A 189 -2.46 -21.21 -14.85
C CYS A 189 -3.75 -20.38 -14.64
N TYR A 190 -4.54 -20.73 -13.64
CA TYR A 190 -5.72 -19.97 -13.23
C TYR A 190 -6.76 -19.75 -14.34
N ASN A 191 -7.00 -20.77 -15.16
CA ASN A 191 -8.09 -20.77 -16.13
C ASN A 191 -9.45 -21.02 -15.47
N LEU A 192 -10.51 -20.57 -16.14
CA LEU A 192 -11.90 -20.71 -15.65
C LEU A 192 -12.07 -20.15 -14.25
N THR A 193 -11.77 -18.86 -14.12
CA THR A 193 -11.95 -18.09 -12.90
C THR A 193 -12.94 -16.98 -13.28
N PRO A 194 -13.66 -16.39 -12.28
CA PRO A 194 -14.45 -15.18 -12.58
C PRO A 194 -13.71 -14.14 -13.45
N ASN A 195 -12.41 -13.97 -13.20
CA ASN A 195 -11.56 -13.03 -13.96
C ASN A 195 -11.04 -13.55 -15.30
N GLN A 196 -10.88 -14.87 -15.45
CA GLN A 196 -10.31 -15.49 -16.63
C GLN A 196 -11.28 -16.61 -17.09
N PRO A 197 -12.37 -16.22 -17.76
CA PRO A 197 -13.48 -17.15 -18.03
C PRO A 197 -13.26 -18.17 -19.16
N SER A 198 -12.18 -18.02 -19.91
CA SER A 198 -11.81 -19.04 -20.90
C SER A 198 -10.99 -20.16 -20.28
N ALA A 199 -10.86 -21.26 -21.03
CA ALA A 199 -9.98 -22.36 -20.69
C ALA A 199 -8.51 -22.00 -20.84
N GLN A 200 -8.20 -20.92 -21.55
CA GLN A 200 -6.82 -20.50 -21.71
C GLN A 200 -6.33 -19.90 -20.39
N CYS A 201 -5.05 -20.12 -20.11
CA CYS A 201 -4.41 -19.60 -18.91
C CYS A 201 -4.37 -18.10 -18.98
N GLU A 202 -4.35 -17.48 -17.81
CA GLU A 202 -4.24 -16.05 -17.69
C GLU A 202 -2.90 -15.54 -18.27
N ALA A 203 -2.97 -14.44 -18.99
CA ALA A 203 -1.86 -13.99 -19.83
C ALA A 203 -0.64 -13.59 -19.04
N THR A 204 -0.86 -12.87 -17.94
CA THR A 204 0.23 -12.41 -17.07
C THR A 204 0.94 -13.58 -16.35
N THR A 205 0.19 -14.63 -16.05
CA THR A 205 0.74 -15.84 -15.42
C THR A 205 1.66 -16.60 -16.38
N MET A 206 1.29 -16.65 -17.66
CA MET A 206 2.16 -17.20 -18.70
C MET A 206 3.45 -16.38 -18.83
N GLN A 207 3.32 -15.06 -18.72
CA GLN A 207 4.49 -14.17 -18.68
C GLN A 207 5.34 -14.50 -17.47
N GLU A 208 4.70 -14.60 -16.31
CA GLU A 208 5.38 -14.92 -15.06
C GLU A 208 6.01 -16.31 -15.01
N ASN A 209 5.35 -17.30 -15.63
CA ASN A 209 5.94 -18.63 -15.78
C ASN A 209 7.22 -18.62 -16.58
N ASP A 210 7.29 -17.78 -17.60
CA ASP A 210 8.51 -17.68 -18.41
C ASP A 210 9.67 -17.13 -17.58
N LYS A 211 9.40 -16.25 -16.63
CA LYS A 211 10.47 -15.70 -15.81
C LYS A 211 10.78 -16.58 -14.59
N MET A 212 10.11 -17.73 -14.49
CA MET A 212 10.39 -18.71 -13.44
C MET A 212 11.14 -19.93 -13.99
N SER A 213 11.94 -19.72 -15.03
CA SER A 213 12.89 -20.72 -15.50
C SER A 213 13.78 -21.26 -14.38
N TRP A 214 14.11 -20.43 -13.39
CA TRP A 214 14.94 -20.91 -12.28
C TRP A 214 14.32 -22.15 -11.66
N LEU A 215 12.99 -22.16 -11.53
CA LEU A 215 12.30 -23.31 -10.98
C LEU A 215 12.20 -24.45 -12.01
N PHE A 216 11.73 -24.16 -13.21
CA PHE A 216 11.38 -25.22 -14.16
C PHE A 216 12.60 -25.87 -14.78
N GLU A 217 13.72 -25.15 -14.79
CA GLU A 217 15.01 -25.75 -15.18
C GLU A 217 15.50 -26.76 -14.14
N SER A 218 15.28 -26.50 -12.86
CA SER A 218 15.77 -27.37 -11.78
C SER A 218 14.90 -28.60 -11.57
N GLU A 219 13.58 -28.42 -11.55
CA GLU A 219 12.63 -29.54 -11.51
C GLU A 219 12.89 -30.55 -12.61
N ASP A 220 12.62 -31.82 -12.32
CA ASP A 220 12.59 -32.90 -13.32
C ASP A 220 11.18 -33.11 -13.90
N VAL A 221 10.16 -32.88 -13.09
CA VAL A 221 8.78 -33.18 -13.48
C VAL A 221 7.84 -32.04 -13.10
N LEU A 222 7.05 -31.58 -14.07
CA LEU A 222 6.02 -30.54 -13.83
C LEU A 222 4.71 -31.21 -13.42
N LEU A 223 4.05 -30.67 -12.39
CA LEU A 223 2.93 -31.34 -11.75
C LEU A 223 1.67 -30.50 -11.67
N PRO A 224 1.12 -30.09 -12.81
CA PRO A 224 -0.05 -29.25 -12.72
C PRO A 224 -1.27 -30.01 -12.17
N SER A 225 -2.00 -29.37 -11.26
CA SER A 225 -3.15 -29.95 -10.66
C SER A 225 -4.37 -29.79 -11.59
N VAL A 226 -4.91 -30.90 -12.09
CA VAL A 226 -6.03 -30.82 -13.04
C VAL A 226 -7.31 -31.43 -12.46
N TYR A 227 -7.65 -31.00 -11.25
CA TYR A 227 -8.86 -31.47 -10.56
C TYR A 227 -10.10 -30.84 -11.16
N LEU A 228 -11.07 -31.67 -11.50
CA LEU A 228 -12.30 -31.21 -12.13
C LEU A 228 -13.25 -30.61 -11.11
N ARG A 229 -14.14 -29.73 -11.56
CA ARG A 229 -15.23 -29.25 -10.71
C ARG A 229 -16.57 -29.66 -11.29
N TRP A 230 -17.52 -29.94 -10.41
CA TRP A 230 -18.88 -30.24 -10.84
C TRP A 230 -19.54 -29.00 -11.44
N ASN A 231 -19.23 -27.82 -10.93
CA ASN A 231 -19.89 -26.58 -11.38
C ASN A 231 -19.28 -26.00 -12.66
N LEU A 232 -19.26 -26.83 -13.68
CA LEU A 232 -18.66 -26.57 -14.97
C LEU A 232 -19.40 -27.46 -15.96
N THR A 233 -19.33 -27.10 -17.24
CA THR A 233 -19.97 -27.90 -18.28
C THR A 233 -19.04 -29.05 -18.63
N SER A 234 -19.53 -30.00 -19.41
CA SER A 234 -18.68 -31.11 -19.87
C SER A 234 -17.48 -30.57 -20.66
N GLY A 235 -17.73 -29.56 -21.48
CA GLY A 235 -16.69 -28.96 -22.29
C GLY A 235 -15.66 -28.24 -21.46
N GLU A 236 -16.11 -27.48 -20.47
CA GLU A 236 -15.18 -26.72 -19.62
C GLU A 236 -14.28 -27.62 -18.80
N ARG A 237 -14.77 -28.80 -18.41
CA ARG A 237 -13.95 -29.76 -17.67
C ARG A 237 -12.83 -30.31 -18.54
N VAL A 238 -13.10 -30.44 -19.83
CA VAL A 238 -12.06 -30.81 -20.78
C VAL A 238 -11.12 -29.62 -20.97
N GLY A 239 -11.68 -28.43 -21.15
CA GLY A 239 -10.89 -27.23 -21.37
C GLY A 239 -10.08 -26.82 -20.15
N LEU A 240 -10.61 -27.06 -18.96
CA LEU A 240 -9.86 -26.83 -17.73
C LEU A 240 -8.54 -27.62 -17.76
N VAL A 241 -8.66 -28.91 -18.05
CA VAL A 241 -7.52 -29.84 -18.13
C VAL A 241 -6.58 -29.56 -19.32
N GLY A 242 -7.15 -29.28 -20.49
CA GLY A 242 -6.36 -28.98 -21.69
C GLY A 242 -5.45 -27.76 -21.50
N GLY A 243 -6.03 -26.69 -20.97
CA GLY A 243 -5.31 -25.45 -20.76
C GLY A 243 -4.13 -25.59 -19.82
N ARG A 244 -4.28 -26.39 -18.78
CA ARG A 244 -3.20 -26.60 -17.80
C ARG A 244 -2.13 -27.53 -18.29
N VAL A 245 -2.51 -28.56 -19.04
CA VAL A 245 -1.51 -29.43 -19.63
C VAL A 245 -0.79 -28.73 -20.79
N LYS A 246 -1.47 -27.85 -21.50
CA LYS A 246 -0.79 -27.04 -22.52
C LYS A 246 0.26 -26.13 -21.91
N GLU A 247 -0.07 -25.48 -20.80
CA GLU A 247 0.84 -24.54 -20.22
C GLU A 247 2.12 -25.26 -19.77
N ALA A 248 1.96 -26.38 -19.09
CA ALA A 248 3.09 -27.16 -18.64
C ALA A 248 3.90 -27.74 -19.81
N LEU A 249 3.24 -28.17 -20.88
CA LEU A 249 3.96 -28.64 -22.07
C LEU A 249 4.76 -27.50 -22.73
N ARG A 250 4.17 -26.31 -22.75
CA ARG A 250 4.80 -25.17 -23.37
C ARG A 250 6.06 -24.84 -22.61
N ILE A 251 5.97 -24.87 -21.27
CA ILE A 251 7.14 -24.62 -20.44
C ILE A 251 8.21 -25.71 -20.64
N ALA A 252 7.78 -26.96 -20.59
CA ALA A 252 8.71 -28.08 -20.66
C ALA A 252 9.48 -28.10 -21.98
N ARG A 253 8.83 -27.78 -23.10
CA ARG A 253 9.50 -27.83 -24.42
C ARG A 253 10.44 -26.63 -24.68
N GLN A 254 10.41 -25.62 -23.82
CA GLN A 254 11.33 -24.49 -23.89
C GLN A 254 12.59 -24.73 -23.05
N MET A 255 12.62 -25.84 -22.34
CA MET A 255 13.60 -26.00 -21.28
C MET A 255 14.90 -26.59 -21.81
N THR A 256 16.01 -26.20 -21.17
CA THR A 256 17.37 -26.39 -21.71
C THR A 256 18.22 -27.43 -20.96
N THR A 257 17.98 -27.63 -19.66
CA THR A 257 18.87 -28.50 -18.86
C THR A 257 18.64 -29.97 -19.10
N SER A 258 17.38 -30.34 -19.27
CA SER A 258 17.05 -31.72 -19.52
C SER A 258 15.69 -31.74 -20.19
N ARG A 259 15.28 -32.92 -20.62
CA ARG A 259 13.90 -33.13 -21.02
C ARG A 259 13.07 -33.17 -19.74
N LYS A 260 11.95 -32.47 -19.70
CA LYS A 260 11.12 -32.40 -18.49
C LYS A 260 9.81 -33.16 -18.70
N LYS A 261 9.44 -33.99 -17.73
CA LYS A 261 8.21 -34.79 -17.81
C LYS A 261 6.99 -33.98 -17.37
N VAL A 262 5.89 -34.10 -18.10
CA VAL A 262 4.62 -33.55 -17.62
C VAL A 262 3.76 -34.69 -17.10
N LEU A 263 3.50 -34.65 -15.79
CA LEU A 263 2.64 -35.62 -15.10
C LEU A 263 1.58 -34.87 -14.28
N PRO A 264 0.45 -34.53 -14.88
CA PRO A 264 -0.57 -33.80 -14.12
C PRO A 264 -1.16 -34.58 -12.93
N TYR A 265 -1.43 -33.88 -11.84
CA TYR A 265 -2.10 -34.48 -10.68
C TYR A 265 -3.60 -34.55 -10.94
N TYR A 266 -4.14 -35.76 -10.82
CA TYR A 266 -5.51 -36.08 -11.21
C TYR A 266 -6.29 -36.65 -10.02
N TRP A 267 -7.53 -36.22 -9.85
CA TRP A 267 -8.38 -36.71 -8.76
C TRP A 267 -9.65 -37.36 -9.32
N TYR A 268 -10.05 -38.49 -8.75
CA TYR A 268 -11.25 -39.21 -9.16
C TYR A 268 -12.54 -38.66 -8.54
N LYS A 269 -12.41 -37.70 -7.62
CA LYS A 269 -13.54 -36.93 -7.06
C LYS A 269 -13.65 -35.55 -7.71
N TYR A 270 -14.87 -35.01 -7.79
CA TYR A 270 -15.08 -33.58 -8.08
C TYR A 270 -14.70 -32.73 -6.85
N GLN A 271 -13.82 -31.77 -7.07
CA GLN A 271 -13.25 -30.92 -6.04
C GLN A 271 -14.29 -30.22 -5.19
N ASP A 272 -15.43 -29.86 -5.80
CA ASP A 272 -16.53 -29.17 -5.12
C ASP A 272 -17.75 -30.05 -4.85
N ARG A 273 -17.63 -31.36 -5.05
CA ARG A 273 -18.71 -32.33 -4.86
C ARG A 273 -18.09 -33.66 -4.43
N ARG A 274 -17.49 -33.64 -3.24
CA ARG A 274 -16.57 -34.71 -2.82
C ARG A 274 -17.26 -36.04 -2.58
N ASP A 275 -18.56 -36.02 -2.33
CA ASP A 275 -19.31 -37.27 -2.25
C ASP A 275 -19.50 -37.98 -3.61
N THR A 276 -19.04 -37.35 -4.70
CA THR A 276 -19.32 -37.83 -6.05
C THR A 276 -18.03 -38.17 -6.81
N ASP A 277 -18.00 -39.37 -7.40
CA ASP A 277 -16.90 -39.79 -8.24
C ASP A 277 -17.11 -39.34 -9.69
N LEU A 278 -16.01 -38.99 -10.35
CA LEU A 278 -16.04 -38.68 -11.77
C LEU A 278 -16.81 -39.73 -12.54
N SER A 279 -17.66 -39.27 -13.45
CA SER A 279 -18.43 -40.13 -14.33
C SER A 279 -17.55 -40.77 -15.41
N ARG A 280 -18.10 -41.80 -16.06
CA ARG A 280 -17.43 -42.44 -17.19
C ARG A 280 -17.13 -41.45 -18.32
N ALA A 281 -18.08 -40.57 -18.60
CA ALA A 281 -17.92 -39.57 -19.67
C ALA A 281 -16.76 -38.59 -19.43
N ASP A 282 -16.55 -38.17 -18.18
CA ASP A 282 -15.47 -37.24 -17.87
C ASP A 282 -14.10 -37.89 -17.87
N LEU A 283 -14.01 -39.13 -17.39
CA LEU A 283 -12.77 -39.89 -17.42
C LEU A 283 -12.28 -40.05 -18.86
N GLU A 284 -13.12 -40.64 -19.71
CA GLU A 284 -12.75 -40.80 -21.12
C GLU A 284 -12.32 -39.48 -21.74
N ALA A 285 -13.15 -38.47 -21.60
CA ALA A 285 -12.92 -37.19 -22.24
C ALA A 285 -11.66 -36.50 -21.73
N THR A 286 -11.48 -36.47 -20.42
CA THR A 286 -10.31 -35.79 -19.85
C THR A 286 -9.00 -36.57 -20.03
N LEU A 287 -9.04 -37.90 -19.93
CA LEU A 287 -7.84 -38.69 -20.12
C LEU A 287 -7.40 -38.64 -21.58
N ARG A 288 -8.36 -38.66 -22.50
CA ARG A 288 -8.09 -38.50 -23.93
C ARG A 288 -7.44 -37.15 -24.25
N LYS A 289 -7.76 -36.10 -23.48
CA LYS A 289 -7.12 -34.79 -23.69
C LYS A 289 -5.68 -34.76 -23.14
N ILE A 290 -5.46 -35.35 -21.98
CA ILE A 290 -4.11 -35.44 -21.38
C ILE A 290 -3.18 -36.24 -22.28
N THR A 291 -3.70 -37.36 -22.78
CA THR A 291 -2.96 -38.23 -23.69
C THR A 291 -2.68 -37.58 -25.05
N ASP A 292 -3.72 -37.01 -25.67
CA ASP A 292 -3.61 -36.45 -27.02
C ASP A 292 -2.73 -35.22 -27.10
N LEU A 293 -2.65 -34.45 -26.01
CA LEU A 293 -1.70 -33.34 -25.94
C LEU A 293 -0.26 -33.82 -25.78
N GLY A 294 -0.07 -35.06 -25.36
CA GLY A 294 1.27 -35.64 -25.25
C GLY A 294 1.91 -35.48 -23.87
N ALA A 295 1.08 -35.45 -22.82
CA ALA A 295 1.62 -35.58 -21.48
C ALA A 295 2.35 -36.93 -21.35
N ASP A 296 3.29 -37.01 -20.43
CA ASP A 296 4.04 -38.25 -20.25
C ASP A 296 3.36 -39.23 -19.29
N GLY A 297 2.10 -38.95 -18.96
CA GLY A 297 1.33 -39.73 -18.00
C GLY A 297 0.57 -38.83 -17.05
N PHE A 298 0.17 -39.38 -15.91
CA PHE A 298 -0.47 -38.59 -14.85
C PHE A 298 -0.49 -39.38 -13.56
N ILE A 299 -0.76 -38.69 -12.45
CA ILE A 299 -0.79 -39.30 -11.14
C ILE A 299 -2.21 -39.23 -10.59
N ILE A 300 -2.74 -40.37 -10.14
CA ILE A 300 -4.08 -40.43 -9.52
C ILE A 300 -3.91 -40.15 -8.03
N TRP A 301 -4.58 -39.12 -7.52
CA TRP A 301 -4.51 -38.74 -6.12
C TRP A 301 -5.84 -39.04 -5.49
N GLY A 302 -5.82 -39.14 -4.16
CA GLY A 302 -7.01 -39.32 -3.35
C GLY A 302 -6.76 -38.77 -1.97
N SER A 303 -7.84 -38.45 -1.26
CA SER A 303 -7.75 -37.91 0.08
C SER A 303 -8.06 -38.99 1.07
N SER A 304 -7.31 -39.00 2.18
CA SER A 304 -7.51 -39.94 3.28
C SER A 304 -8.97 -40.02 3.78
N ASP A 305 -9.64 -38.86 3.80
CA ASP A 305 -11.01 -38.74 4.34
C ASP A 305 -12.07 -39.56 3.60
N ASP A 306 -11.78 -39.91 2.35
CA ASP A 306 -12.75 -40.60 1.51
C ASP A 306 -12.61 -42.13 1.54
N ILE A 307 -11.63 -42.62 2.27
CA ILE A 307 -11.49 -44.05 2.49
C ILE A 307 -11.07 -44.31 3.93
N ASN A 308 -11.80 -43.69 4.87
CA ASN A 308 -11.53 -43.92 6.30
C ASN A 308 -12.52 -44.85 7.02
N THR A 309 -13.37 -45.54 6.26
CA THR A 309 -14.17 -46.65 6.79
C THR A 309 -14.15 -47.84 5.83
N LYS A 310 -14.39 -49.03 6.38
CA LYS A 310 -14.48 -50.24 5.59
C LYS A 310 -15.49 -50.12 4.45
N ALA A 311 -16.66 -49.55 4.75
CA ALA A 311 -17.68 -49.24 3.73
C ALA A 311 -17.12 -48.40 2.57
N LYS A 312 -16.45 -47.32 2.92
CA LYS A 312 -15.80 -46.47 1.95
C LYS A 312 -14.66 -47.12 1.17
N CYS A 313 -13.91 -48.04 1.79
CA CYS A 313 -12.85 -48.74 1.05
C CYS A 313 -13.44 -49.68 -0.01
N LEU A 314 -14.50 -50.40 0.37
CA LEU A 314 -15.19 -51.31 -0.55
C LEU A 314 -15.90 -50.54 -1.62
N GLN A 315 -16.43 -49.37 -1.27
CA GLN A 315 -17.10 -48.56 -2.28
C GLN A 315 -16.06 -47.95 -3.23
N PHE A 316 -14.96 -47.44 -2.70
CA PHE A 316 -13.91 -46.98 -3.59
C PHE A 316 -13.42 -48.10 -4.50
N ARG A 317 -13.31 -49.31 -3.96
CA ARG A 317 -12.81 -50.44 -4.75
C ARG A 317 -13.77 -50.90 -5.83
N GLU A 318 -15.06 -50.80 -5.56
CA GLU A 318 -16.11 -51.02 -6.55
C GLU A 318 -15.91 -50.05 -7.73
N TYR A 319 -15.68 -48.78 -7.43
CA TYR A 319 -15.49 -47.75 -8.46
C TYR A 319 -14.20 -47.94 -9.27
N LEU A 320 -13.12 -48.31 -8.60
CA LEU A 320 -11.85 -48.60 -9.27
C LEU A 320 -12.07 -49.68 -10.34
N ASN A 321 -12.70 -50.78 -9.94
CA ASN A 321 -12.86 -51.93 -10.80
C ASN A 321 -13.97 -51.80 -11.85
N ASN A 322 -14.98 -50.97 -11.58
CA ASN A 322 -16.10 -50.72 -12.51
C ASN A 322 -15.89 -49.55 -13.48
N GLU A 323 -15.08 -48.55 -13.11
CA GLU A 323 -15.00 -47.29 -13.85
C GLU A 323 -13.56 -46.80 -14.05
N LEU A 324 -12.87 -46.50 -12.95
CA LEU A 324 -11.56 -45.86 -13.04
C LEU A 324 -10.52 -46.75 -13.69
N GLY A 325 -10.42 -47.98 -13.22
CA GLY A 325 -9.43 -48.93 -13.70
C GLY A 325 -9.53 -49.18 -15.20
N PRO A 326 -10.73 -49.57 -15.67
CA PRO A 326 -10.98 -49.78 -17.11
C PRO A 326 -10.66 -48.58 -17.99
N ALA A 327 -11.01 -47.38 -17.52
CA ALA A 327 -10.77 -46.15 -18.28
C ALA A 327 -9.29 -45.87 -18.50
N VAL A 328 -8.48 -46.12 -17.48
CA VAL A 328 -7.04 -45.99 -17.61
C VAL A 328 -6.52 -47.02 -18.62
N LYS A 329 -6.94 -48.26 -18.46
CA LYS A 329 -6.43 -49.35 -19.27
C LYS A 329 -6.74 -49.13 -20.74
N ARG A 330 -7.97 -48.70 -21.05
CA ARG A 330 -8.41 -48.59 -22.45
C ARG A 330 -7.99 -47.27 -23.11
N ILE A 331 -7.44 -46.35 -22.34
CA ILE A 331 -6.92 -45.12 -22.90
C ILE A 331 -5.70 -44.66 -22.12
N ALA A 332 -4.54 -45.13 -22.54
CA ALA A 332 -3.31 -44.85 -21.82
C ALA A 332 -2.31 -46.01 -21.81
N LEU A 333 -2.77 -47.22 -21.44
CA LEU A 333 -1.87 -48.36 -21.21
C LEU A 333 -2.34 -49.63 -21.93
N VAL B 2 20.23 17.58 12.47
CA VAL B 2 19.84 17.74 11.08
C VAL B 2 19.13 19.08 10.89
N THR B 3 19.56 19.86 9.90
CA THR B 3 18.96 21.17 9.65
C THR B 3 18.83 21.48 8.16
N LEU B 4 17.72 22.12 7.81
CA LEU B 4 17.35 22.42 6.43
C LEU B 4 17.15 23.92 6.26
N LYS B 5 17.76 24.52 5.24
CA LYS B 5 17.53 25.95 4.92
C LYS B 5 17.07 26.15 3.49
N GLU B 6 15.85 26.66 3.35
CA GLU B 6 15.33 27.09 2.06
C GLU B 6 15.93 28.44 1.70
N SER B 7 16.23 28.63 0.42
CA SER B 7 16.68 29.93 -0.09
C SER B 7 16.03 30.20 -1.45
N GLY B 8 15.79 31.48 -1.72
CA GLY B 8 15.07 31.87 -2.92
C GLY B 8 15.34 33.30 -3.30
N PRO B 9 14.60 33.81 -4.31
CA PRO B 9 14.77 35.17 -4.78
C PRO B 9 14.18 36.22 -3.82
N GLY B 10 13.13 35.86 -3.10
CA GLY B 10 12.43 36.80 -2.22
C GLY B 10 11.23 37.43 -2.90
N ILE B 11 11.49 38.14 -4.00
CA ILE B 11 10.42 38.69 -4.85
C ILE B 11 10.79 38.55 -6.32
N LEU B 12 9.79 38.27 -7.15
CA LEU B 12 9.96 38.20 -8.61
C LEU B 12 8.68 38.55 -9.33
N GLN B 13 8.78 38.78 -10.64
CA GLN B 13 7.68 39.30 -11.45
C GLN B 13 6.87 38.18 -12.11
N PRO B 14 5.56 38.38 -12.27
CA PRO B 14 4.72 37.46 -13.05
C PRO B 14 5.37 37.01 -14.37
N SER B 15 5.33 35.70 -14.64
CA SER B 15 5.90 35.05 -15.85
C SER B 15 7.32 34.53 -15.72
N GLN B 16 8.01 34.91 -14.65
CA GLN B 16 9.38 34.48 -14.43
C GLN B 16 9.44 33.09 -13.78
N THR B 17 10.64 32.50 -13.79
CA THR B 17 10.87 31.17 -13.19
C THR B 17 11.37 31.27 -11.74
N LEU B 18 10.67 30.62 -10.82
CA LEU B 18 11.12 30.49 -9.43
C LEU B 18 12.22 29.45 -9.36
N SER B 19 13.31 29.74 -8.66
CA SER B 19 14.36 28.76 -8.40
C SER B 19 14.65 28.71 -6.92
N LEU B 20 14.23 27.63 -6.27
CA LEU B 20 14.38 27.49 -4.83
C LEU B 20 15.39 26.42 -4.54
N THR B 21 16.25 26.69 -3.56
CA THR B 21 17.29 25.76 -3.15
C THR B 21 17.07 25.39 -1.69
N CYS B 22 17.17 24.10 -1.40
CA CYS B 22 17.15 23.58 -0.04
C CYS B 22 18.56 23.07 0.25
N SER B 23 19.12 23.45 1.39
CA SER B 23 20.47 23.05 1.78
C SER B 23 20.44 22.28 3.10
N PHE B 24 21.19 21.19 3.16
CA PHE B 24 21.11 20.24 4.28
C PHE B 24 22.39 20.21 5.10
N SER B 25 22.25 20.13 6.42
CA SER B 25 23.38 19.91 7.33
C SER B 25 23.10 18.74 8.25
N GLY B 26 24.16 18.04 8.63
CA GLY B 26 24.04 16.85 9.47
C GLY B 26 23.35 15.70 8.75
N PHE B 27 23.34 15.72 7.43
CA PHE B 27 22.62 14.71 6.65
C PHE B 27 23.02 14.70 5.17
N SER B 28 23.21 13.51 4.61
CA SER B 28 23.53 13.33 3.20
C SER B 28 22.29 12.92 2.41
N LEU B 29 22.15 13.46 1.21
CA LEU B 29 21.01 13.12 0.35
C LEU B 29 21.20 11.80 -0.39
N SER B 30 22.40 11.23 -0.28
CA SER B 30 22.70 9.92 -0.84
C SER B 30 22.14 8.75 -0.01
N THR B 31 21.76 9.02 1.25
CA THR B 31 21.37 7.95 2.17
C THR B 31 20.10 7.21 1.72
N SER B 32 20.21 5.89 1.59
CA SER B 32 19.12 5.06 1.09
C SER B 32 17.83 5.24 1.91
N GLY B 33 16.68 5.21 1.22
CA GLY B 33 15.37 5.34 1.85
C GLY B 33 14.92 6.74 2.19
N MET B 34 15.64 7.74 1.71
CA MET B 34 15.39 9.13 2.06
C MET B 34 14.53 9.83 1.00
N GLY B 35 13.67 10.74 1.44
CA GLY B 35 12.84 11.53 0.54
C GLY B 35 12.71 12.99 0.98
N VAL B 36 12.68 13.90 0.01
CA VAL B 36 12.46 15.31 0.30
C VAL B 36 11.24 15.81 -0.45
N SER B 37 10.48 16.65 0.22
CA SER B 37 9.25 17.22 -0.33
C SER B 37 9.34 18.74 -0.35
N TRP B 38 8.57 19.36 -1.25
CA TRP B 38 8.46 20.81 -1.28
C TRP B 38 7.01 21.15 -1.03
N ILE B 39 6.78 21.97 -0.01
CA ILE B 39 5.44 22.35 0.42
C ILE B 39 5.38 23.87 0.53
N ARG B 40 4.19 24.43 0.39
CA ARG B 40 4.02 25.87 0.48
C ARG B 40 2.76 26.26 1.23
N GLN B 41 2.74 27.50 1.69
CA GLN B 41 1.62 28.01 2.46
C GLN B 41 1.47 29.53 2.27
N PRO B 42 0.41 29.96 1.56
CA PRO B 42 0.16 31.39 1.50
C PRO B 42 -0.38 31.86 2.84
N SER B 43 -0.10 33.09 3.20
CA SER B 43 -0.46 33.60 4.53
C SER B 43 -1.95 33.46 4.79
N GLY B 44 -2.28 32.90 5.94
CA GLY B 44 -3.67 32.78 6.36
C GLY B 44 -4.44 31.66 5.70
N LYS B 45 -3.72 30.72 5.08
CA LYS B 45 -4.35 29.65 4.32
C LYS B 45 -3.63 28.31 4.52
N GLY B 46 -4.15 27.28 3.84
CA GLY B 46 -3.71 25.90 4.06
C GLY B 46 -2.34 25.56 3.53
N LEU B 47 -1.91 24.32 3.77
CA LEU B 47 -0.68 23.79 3.21
C LEU B 47 -0.95 23.16 1.84
N GLU B 48 0.04 23.28 0.95
CA GLU B 48 -0.05 22.73 -0.40
C GLU B 48 1.22 21.94 -0.74
N TRP B 49 1.06 20.64 -0.98
CA TRP B 49 2.20 19.82 -1.42
C TRP B 49 2.51 20.07 -2.92
N LEU B 50 3.79 20.19 -3.27
CA LEU B 50 4.19 20.52 -4.63
C LEU B 50 4.82 19.32 -5.33
N ALA B 51 5.97 18.88 -4.80
CA ALA B 51 6.69 17.76 -5.40
C ALA B 51 7.42 16.92 -4.38
N HIS B 52 7.87 15.74 -4.79
CA HIS B 52 8.63 14.85 -3.90
C HIS B 52 9.74 14.17 -4.71
N ILE B 53 10.88 13.93 -4.08
CA ILE B 53 11.97 13.19 -4.72
C ILE B 53 12.62 12.22 -3.73
N TYR B 54 12.94 11.03 -4.21
CA TYR B 54 13.57 9.99 -3.39
C TYR B 54 15.06 9.97 -3.68
N TRP B 55 15.80 9.33 -2.79
CA TRP B 55 17.25 9.22 -2.90
C TRP B 55 17.76 8.72 -4.27
N ASP B 56 16.94 7.96 -5.00
CA ASP B 56 17.35 7.44 -6.33
C ASP B 56 16.73 8.21 -7.50
N ASP B 57 16.39 9.47 -7.27
CA ASP B 57 15.95 10.38 -8.32
C ASP B 57 14.50 10.15 -8.82
N ASP B 58 13.78 9.27 -8.16
CA ASP B 58 12.38 9.01 -8.47
C ASP B 58 11.53 10.17 -7.95
N LYS B 59 10.62 10.67 -8.79
CA LYS B 59 9.91 11.92 -8.53
C LYS B 59 8.38 11.79 -8.48
N ARG B 60 7.75 12.67 -7.71
CA ARG B 60 6.29 12.78 -7.65
C ARG B 60 5.90 14.23 -7.79
N TYR B 61 4.82 14.51 -8.51
CA TYR B 61 4.37 15.91 -8.73
C TYR B 61 2.90 16.07 -8.48
N ASN B 62 2.51 17.24 -8.00
CA ASN B 62 1.11 17.51 -7.77
C ASN B 62 0.51 17.91 -9.10
N PRO B 63 -0.42 17.11 -9.64
CA PRO B 63 -0.96 17.40 -10.98
C PRO B 63 -1.79 18.69 -11.04
N SER B 64 -2.13 19.23 -9.87
CA SER B 64 -2.67 20.58 -9.75
C SER B 64 -1.76 21.65 -10.37
N LEU B 65 -0.45 21.45 -10.28
CA LEU B 65 0.52 22.46 -10.76
C LEU B 65 0.76 22.42 -12.28
N LYS B 66 0.33 21.34 -12.93
CA LYS B 66 -0.12 21.36 -14.33
C LYS B 66 0.81 21.80 -15.49
N SER B 67 2.03 21.29 -15.61
CA SER B 67 2.89 20.97 -14.50
C SER B 67 4.11 21.86 -14.74
N ARG B 68 4.09 22.97 -14.02
CA ARG B 68 5.08 24.02 -14.10
C ARG B 68 6.25 23.75 -13.15
N LEU B 69 6.27 22.56 -12.54
CA LEU B 69 7.26 22.22 -11.52
C LEU B 69 8.34 21.30 -12.03
N THR B 70 9.55 21.51 -11.55
CA THR B 70 10.62 20.52 -11.70
C THR B 70 11.37 20.38 -10.36
N ILE B 71 11.48 19.16 -9.87
CA ILE B 71 12.27 18.87 -8.66
C ILE B 71 13.53 18.12 -9.07
N SER B 72 14.65 18.46 -8.45
CA SER B 72 15.89 17.74 -8.68
C SER B 72 16.83 17.91 -7.51
N LYS B 73 17.94 17.18 -7.56
CA LYS B 73 18.91 17.17 -6.48
C LYS B 73 20.31 16.98 -7.04
N ASP B 74 21.30 17.40 -6.24
CA ASP B 74 22.69 17.17 -6.56
C ASP B 74 23.34 16.62 -5.29
N THR B 75 23.64 15.34 -5.30
CA THR B 75 24.17 14.63 -4.14
C THR B 75 25.48 15.24 -3.66
N SER B 76 26.36 15.58 -4.60
CA SER B 76 27.68 16.15 -4.27
C SER B 76 27.59 17.57 -3.69
N ARG B 77 26.65 18.37 -4.17
CA ARG B 77 26.37 19.69 -3.57
C ARG B 77 25.59 19.53 -2.25
N ASN B 78 24.95 18.38 -2.09
CA ASN B 78 24.02 18.13 -0.97
C ASN B 78 22.85 19.13 -0.95
N GLN B 79 22.21 19.29 -2.11
CA GLN B 79 21.08 20.23 -2.24
C GLN B 79 19.94 19.69 -3.08
N VAL B 80 18.77 20.25 -2.84
CA VAL B 80 17.58 19.93 -3.61
C VAL B 80 17.11 21.24 -4.25
N PHE B 81 16.55 21.14 -5.45
CA PHE B 81 16.10 22.31 -6.21
C PHE B 81 14.64 22.19 -6.60
N LEU B 82 13.94 23.32 -6.64
CA LEU B 82 12.61 23.37 -7.22
C LEU B 82 12.54 24.51 -8.23
N LYS B 83 12.12 24.20 -9.45
CA LYS B 83 11.83 25.22 -10.45
C LYS B 83 10.31 25.35 -10.64
N ILE B 84 9.80 26.58 -10.67
CA ILE B 84 8.40 26.82 -11.03
C ILE B 84 8.33 27.85 -12.16
N THR B 85 7.90 27.40 -13.34
CA THR B 85 7.80 28.28 -14.49
C THR B 85 6.44 28.99 -14.53
N SER B 86 6.38 30.14 -15.16
CA SER B 86 5.13 30.89 -15.35
C SER B 86 4.44 31.28 -14.07
N VAL B 87 5.23 31.75 -13.10
CA VAL B 87 4.66 32.22 -11.83
C VAL B 87 3.64 33.34 -12.04
N ASP B 88 2.52 33.26 -11.32
CA ASP B 88 1.58 34.38 -11.21
C ASP B 88 1.37 34.66 -9.72
N THR B 89 0.57 35.68 -9.37
CA THR B 89 0.40 36.11 -7.97
C THR B 89 -0.11 35.01 -7.02
N ALA B 90 -0.81 34.02 -7.59
CA ALA B 90 -1.31 32.88 -6.79
C ALA B 90 -0.21 31.92 -6.32
N ASP B 91 1.03 32.11 -6.78
CA ASP B 91 2.18 31.33 -6.32
C ASP B 91 2.90 32.04 -5.18
N THR B 92 2.36 33.19 -4.76
CA THR B 92 2.86 33.91 -3.59
C THR B 92 2.62 33.08 -2.32
N ALA B 93 3.69 32.79 -1.60
CA ALA B 93 3.60 31.99 -0.39
C ALA B 93 4.95 31.89 0.29
N THR B 94 4.95 31.27 1.47
CA THR B 94 6.19 30.80 2.07
C THR B 94 6.35 29.32 1.69
N TYR B 95 7.53 28.98 1.21
CA TYR B 95 7.83 27.65 0.69
C TYR B 95 8.74 26.92 1.67
N TYR B 96 8.36 25.68 2.01
CA TYR B 96 9.15 24.80 2.88
C TYR B 96 9.70 23.60 2.10
N CYS B 97 10.93 23.18 2.42
CA CYS B 97 11.37 21.82 2.05
C CYS B 97 11.30 20.97 3.30
N THR B 98 11.02 19.68 3.11
CA THR B 98 10.83 18.74 4.20
C THR B 98 11.61 17.45 3.90
N LEU B 99 12.21 16.86 4.95
CA LEU B 99 12.95 15.61 4.84
C LEU B 99 12.29 14.50 5.70
N TYR B 100 12.18 13.30 5.10
CA TYR B 100 11.66 12.12 5.78
C TYR B 100 12.72 11.02 5.73
N TYR B 101 13.10 10.53 6.90
CA TYR B 101 13.99 9.38 7.00
C TYR B 101 13.52 8.54 8.18
N GLY B 102 13.13 7.31 7.88
CA GLY B 102 12.52 6.44 8.88
C GLY B 102 11.28 7.11 9.44
N SER B 103 11.14 7.07 10.76
CA SER B 103 9.95 7.57 11.45
C SER B 103 9.95 9.08 11.68
N VAL B 104 11.05 9.75 11.30
CA VAL B 104 11.27 11.14 11.71
C VAL B 104 11.09 12.11 10.53
N ASP B 105 10.73 13.35 10.87
CA ASP B 105 10.24 14.34 9.92
C ASP B 105 10.91 15.69 10.22
N TYR B 106 11.64 16.25 9.26
CA TYR B 106 12.37 17.52 9.47
C TYR B 106 11.91 18.61 8.49
N TRP B 107 11.69 19.81 9.00
CA TRP B 107 11.22 20.94 8.20
C TRP B 107 12.22 22.08 8.30
N GLY B 108 12.38 22.81 7.20
CA GLY B 108 13.12 24.08 7.22
C GLY B 108 12.31 25.18 7.87
N GLN B 109 12.88 26.38 7.96
CA GLN B 109 12.21 27.54 8.54
C GLN B 109 11.27 28.16 7.51
N GLY B 110 11.63 28.04 6.24
CA GLY B 110 10.78 28.49 5.16
C GLY B 110 11.34 29.75 4.53
N THR B 111 11.10 29.90 3.25
CA THR B 111 11.52 31.08 2.52
C THR B 111 10.25 31.72 1.92
N SER B 112 10.12 33.03 2.17
CA SER B 112 9.00 33.79 1.65
C SER B 112 9.25 34.14 0.17
N VAL B 113 8.24 33.94 -0.65
CA VAL B 113 8.31 34.27 -2.07
C VAL B 113 7.11 35.14 -2.37
N THR B 114 7.35 36.27 -3.03
CA THR B 114 6.30 37.19 -3.42
C THR B 114 6.33 37.39 -4.92
N VAL B 115 5.18 37.24 -5.56
CA VAL B 115 5.07 37.38 -7.01
C VAL B 115 4.26 38.64 -7.27
N SER B 116 4.89 39.68 -7.77
CA SER B 116 4.15 40.84 -8.23
C SER B 116 5.05 41.76 -9.05
N SER B 117 4.40 42.68 -9.75
CA SER B 117 5.08 43.68 -10.55
C SER B 117 5.56 44.89 -9.72
N ALA B 118 4.94 45.11 -8.58
CA ALA B 118 5.12 46.35 -7.82
C ALA B 118 6.59 46.72 -7.56
N LYS B 119 6.88 48.01 -7.69
CA LYS B 119 8.17 48.57 -7.30
C LYS B 119 8.15 48.73 -5.79
N THR B 120 9.31 48.58 -5.16
CA THR B 120 9.43 48.72 -3.70
C THR B 120 9.07 50.14 -3.23
N THR B 121 8.47 50.24 -2.04
CA THR B 121 7.86 51.48 -1.57
C THR B 121 7.71 51.52 -0.03
N PRO B 122 8.29 52.54 0.64
CA PRO B 122 8.02 52.74 2.06
C PRO B 122 6.57 53.19 2.32
N PRO B 123 6.04 52.91 3.52
CA PRO B 123 4.65 53.19 3.84
C PRO B 123 4.36 54.63 4.26
N SER B 124 3.11 55.04 4.13
CA SER B 124 2.62 56.28 4.70
C SER B 124 1.89 55.97 6.02
N VAL B 125 2.40 56.51 7.13
CA VAL B 125 1.77 56.33 8.44
C VAL B 125 0.75 57.45 8.64
N TYR B 126 -0.53 57.09 8.71
CA TYR B 126 -1.61 58.07 8.85
C TYR B 126 -2.18 58.11 10.27
CA GLY B 143 -4.98 53.86 15.76
C GLY B 143 -4.08 54.53 14.74
N CYS B 144 -3.33 53.71 13.99
CA CYS B 144 -2.49 54.17 12.86
C CYS B 144 -2.89 53.44 11.60
N LEU B 145 -3.15 54.16 10.52
CA LEU B 145 -3.42 53.53 9.21
C LEU B 145 -2.15 53.49 8.32
N VAL B 146 -1.79 52.29 7.88
CA VAL B 146 -0.64 52.07 7.00
C VAL B 146 -1.14 51.73 5.59
N LYS B 147 -0.90 52.65 4.64
CA LYS B 147 -1.45 52.52 3.29
C LYS B 147 -0.36 52.43 2.22
N GLY B 148 -0.64 51.59 1.22
CA GLY B 148 0.13 51.49 -0.03
C GLY B 148 1.63 51.30 0.05
N TYR B 149 2.07 50.27 0.76
CA TYR B 149 3.50 49.93 0.85
C TYR B 149 3.77 48.57 0.18
N PHE B 150 5.03 48.38 -0.24
CA PHE B 150 5.48 47.09 -0.77
C PHE B 150 6.99 46.97 -0.56
N PRO B 151 7.47 45.76 -0.20
CA PRO B 151 6.76 44.54 0.14
C PRO B 151 6.45 44.43 1.63
N GLU B 152 5.92 43.29 2.05
CA GLU B 152 5.82 42.93 3.46
C GLU B 152 7.23 42.68 4.03
N PRO B 153 7.40 42.80 5.36
CA PRO B 153 6.47 43.17 6.41
C PRO B 153 6.69 44.58 6.95
N VAL B 154 5.68 45.10 7.64
CA VAL B 154 5.79 46.37 8.35
C VAL B 154 5.63 46.11 9.84
N THR B 155 6.51 46.70 10.65
CA THR B 155 6.44 46.61 12.12
C THR B 155 5.72 47.84 12.68
N VAL B 156 4.69 47.60 13.50
CA VAL B 156 3.96 48.67 14.18
C VAL B 156 4.00 48.45 15.68
N THR B 157 4.47 49.44 16.42
CA THR B 157 4.39 49.48 17.89
C THR B 157 3.88 50.85 18.35
N TRP B 158 3.63 50.98 19.65
CA TRP B 158 3.09 52.22 20.22
C TRP B 158 3.96 52.75 21.36
N ASN B 159 4.66 53.86 21.09
CA ASN B 159 5.46 54.56 22.10
C ASN B 159 6.59 53.71 22.69
N SER B 160 7.43 53.16 21.82
CA SER B 160 8.58 52.38 22.26
C SER B 160 8.33 50.88 22.15
N GLY B 161 7.20 50.42 22.71
CA GLY B 161 6.82 49.01 22.65
N HIS B 168 -4.48 45.46 18.69
CA HIS B 168 -4.29 44.56 17.54
C HIS B 168 -3.82 45.34 16.30
N THR B 169 -2.91 44.74 15.55
CA THR B 169 -2.55 45.19 14.21
C THR B 169 -3.11 44.17 13.23
N PHE B 170 -3.95 44.61 12.31
CA PHE B 170 -4.68 43.68 11.42
C PHE B 170 -3.81 43.23 10.23
N PRO B 171 -4.03 41.99 9.75
CA PRO B 171 -3.21 41.53 8.61
C PRO B 171 -3.45 42.36 7.36
N ALA B 172 -2.36 42.64 6.65
CA ALA B 172 -2.41 43.50 5.47
C ALA B 172 -3.17 42.82 4.33
N VAL B 173 -3.65 43.65 3.41
CA VAL B 173 -4.45 43.20 2.28
C VAL B 173 -4.01 43.97 1.02
N LEU B 174 -4.10 43.33 -0.14
CA LEU B 174 -3.59 43.95 -1.38
C LEU B 174 -4.62 44.89 -2.02
N GLN B 175 -4.22 46.14 -2.23
CA GLN B 175 -5.02 47.13 -2.95
C GLN B 175 -4.15 47.75 -4.04
N SER B 176 -4.60 47.67 -5.29
CA SER B 176 -3.81 48.13 -6.44
C SER B 176 -2.38 47.58 -6.40
N ASP B 177 -2.25 46.31 -6.01
CA ASP B 177 -0.96 45.62 -5.89
C ASP B 177 -0.03 46.19 -4.80
N LEU B 178 -0.59 47.01 -3.90
CA LEU B 178 0.15 47.55 -2.75
C LEU B 178 -0.58 47.24 -1.45
N TYR B 179 0.17 46.95 -0.40
CA TYR B 179 -0.40 46.46 0.85
C TYR B 179 -1.01 47.58 1.69
N THR B 180 -2.17 47.31 2.29
CA THR B 180 -2.86 48.25 3.19
C THR B 180 -3.11 47.59 4.53
N LEU B 181 -3.09 48.38 5.60
CA LEU B 181 -3.09 47.82 6.96
C LEU B 181 -3.44 48.89 7.99
N SER B 182 -3.87 48.46 9.17
CA SER B 182 -4.05 49.38 10.30
C SER B 182 -3.89 48.66 11.65
N SER B 183 -3.81 49.45 12.72
CA SER B 183 -3.57 48.95 14.06
C SER B 183 -4.37 49.74 15.08
N SER B 184 -4.48 49.22 16.29
CA SER B 184 -5.27 49.84 17.33
C SER B 184 -4.67 49.63 18.72
N VAL B 185 -4.85 50.62 19.58
CA VAL B 185 -4.37 50.57 20.97
C VAL B 185 -5.53 50.82 21.92
N ASP C 1 -6.37 11.43 -9.40
CA ASP C 1 -6.14 12.47 -8.34
C ASP C 1 -6.91 12.09 -7.09
N ILE C 2 -6.19 11.90 -5.99
CA ILE C 2 -6.82 11.67 -4.69
C ILE C 2 -6.99 13.00 -3.97
N GLN C 3 -8.22 13.25 -3.53
CA GLN C 3 -8.57 14.44 -2.77
C GLN C 3 -8.84 14.07 -1.30
N MET C 4 -8.48 14.99 -0.40
CA MET C 4 -8.68 14.85 1.03
C MET C 4 -9.64 15.92 1.53
N THR C 5 -10.70 15.50 2.23
CA THR C 5 -11.64 16.44 2.84
C THR C 5 -11.59 16.28 4.35
N GLN C 6 -11.19 17.34 5.04
CA GLN C 6 -11.26 17.40 6.50
C GLN C 6 -12.52 18.11 6.90
N SER C 7 -13.18 17.60 7.94
CA SER C 7 -14.24 18.32 8.62
C SER C 7 -14.03 18.16 10.12
N PRO C 8 -14.50 19.14 10.92
CA PRO C 8 -15.08 20.42 10.52
C PRO C 8 -14.00 21.46 10.19
N ALA C 9 -14.40 22.55 9.55
CA ALA C 9 -13.49 23.66 9.26
C ALA C 9 -13.08 24.42 10.53
N SER C 10 -13.98 24.51 11.50
CA SER C 10 -13.69 25.07 12.82
C SER C 10 -14.34 24.25 13.90
N LEU C 11 -13.73 24.25 15.09
CA LEU C 11 -14.23 23.48 16.22
C LEU C 11 -13.84 24.20 17.53
N SER C 12 -14.84 24.60 18.31
CA SER C 12 -14.60 25.28 19.60
C SER C 12 -14.69 24.32 20.78
N ALA C 13 -13.79 24.49 21.74
CA ALA C 13 -13.77 23.66 22.94
C ALA C 13 -13.11 24.38 24.13
N SER C 14 -13.26 23.78 25.32
CA SER C 14 -12.58 24.27 26.52
C SER C 14 -11.46 23.32 26.89
N VAL C 15 -10.57 23.81 27.74
CA VAL C 15 -9.50 22.98 28.31
C VAL C 15 -10.12 21.87 29.14
N GLY C 16 -9.69 20.63 28.91
CA GLY C 16 -10.22 19.47 29.62
C GLY C 16 -11.15 18.61 28.77
N GLU C 17 -11.76 19.24 27.75
CA GLU C 17 -12.70 18.56 26.86
C GLU C 17 -11.97 17.65 25.87
N THR C 18 -12.72 16.77 25.21
CA THR C 18 -12.17 15.86 24.20
C THR C 18 -12.87 16.09 22.88
N VAL C 19 -12.10 16.08 21.80
CA VAL C 19 -12.59 16.39 20.46
C VAL C 19 -12.12 15.35 19.46
N THR C 20 -12.84 15.23 18.34
CA THR C 20 -12.43 14.36 17.25
C THR C 20 -12.63 15.06 15.90
N ILE C 21 -11.53 15.50 15.30
CA ILE C 21 -11.57 16.05 13.96
C ILE C 21 -11.33 14.93 12.96
N THR C 22 -11.92 15.10 11.78
CA THR C 22 -12.11 14.02 10.82
C THR C 22 -11.48 14.36 9.47
N CYS C 23 -11.04 13.31 8.77
CA CYS C 23 -10.39 13.46 7.47
C CYS C 23 -10.82 12.30 6.55
N ARG C 24 -11.54 12.63 5.48
CA ARG C 24 -12.05 11.63 4.54
C ARG C 24 -11.28 11.67 3.21
N ALA C 25 -11.02 10.49 2.66
CA ALA C 25 -10.28 10.35 1.41
C ALA C 25 -11.22 10.03 0.25
N SER C 26 -10.98 10.64 -0.91
CA SER C 26 -11.78 10.37 -2.11
C SER C 26 -11.77 8.89 -2.48
N GLU C 27 -10.57 8.34 -2.67
CA GLU C 27 -10.37 6.90 -2.89
C GLU C 27 -9.72 6.26 -1.66
N ASN C 28 -9.54 4.95 -1.70
CA ASN C 28 -8.88 4.21 -0.62
C ASN C 28 -7.40 4.56 -0.60
N ILE C 29 -6.84 4.71 0.60
CA ILE C 29 -5.40 4.96 0.75
C ILE C 29 -4.77 4.08 1.85
N TYR C 30 -5.34 2.89 2.04
CA TYR C 30 -4.98 2.00 3.12
C TYR C 30 -4.65 2.85 4.37
N SER C 31 -3.40 2.83 4.85
CA SER C 31 -3.05 3.59 6.05
C SER C 31 -2.01 4.67 5.74
N TYR C 32 -1.92 5.09 4.48
CA TYR C 32 -0.93 6.09 4.06
C TYR C 32 -1.40 7.51 4.39
N LEU C 33 -1.39 7.86 5.67
CA LEU C 33 -1.92 9.14 6.15
C LEU C 33 -1.16 9.64 7.35
N THR C 34 -0.89 10.94 7.38
CA THR C 34 -0.18 11.59 8.48
C THR C 34 -1.07 12.65 9.13
N TRP C 35 -0.80 12.98 10.39
CA TRP C 35 -1.47 14.12 11.04
C TRP C 35 -0.45 15.13 11.52
N TYR C 36 -0.80 16.40 11.34
CA TYR C 36 0.10 17.51 11.63
C TYR C 36 -0.62 18.58 12.47
N GLN C 37 0.13 19.17 13.40
CA GLN C 37 -0.32 20.33 14.16
C GLN C 37 0.47 21.56 13.71
N GLN C 38 -0.21 22.68 13.55
CA GLN C 38 0.46 23.94 13.26
C GLN C 38 -0.04 25.05 14.19
N LYS C 39 0.84 25.55 15.04
CA LYS C 39 0.51 26.64 15.94
C LYS C 39 0.76 28.00 15.30
N GLN C 40 0.29 29.04 15.87
CA GLN C 40 0.41 30.39 15.31
C GLN C 40 1.86 30.74 15.45
N GLY C 41 2.42 31.17 14.32
CA GLY C 41 3.87 31.26 14.18
N LYS C 42 5.41 29.46 13.74
CA LYS C 42 5.89 28.09 13.87
C LYS C 42 5.51 27.25 12.65
N SER C 43 6.42 26.41 12.20
CA SER C 43 6.15 25.50 11.08
C SER C 43 5.35 24.28 11.56
N PRO C 44 4.77 23.51 10.62
CA PRO C 44 4.01 22.32 10.99
C PRO C 44 4.79 21.28 11.79
N GLN C 45 4.06 20.38 12.46
CA GLN C 45 4.61 19.48 13.46
C GLN C 45 3.96 18.10 13.39
N LEU C 46 4.76 17.06 13.14
CA LEU C 46 4.26 15.70 13.02
C LEU C 46 3.63 15.17 14.32
N LEU C 47 2.40 14.67 14.23
CA LEU C 47 1.69 14.07 15.36
C LEU C 47 1.52 12.56 15.22
N VAL C 48 1.06 12.11 14.05
CA VAL C 48 0.75 10.70 13.84
C VAL C 48 1.21 10.24 12.47
N TYR C 49 1.95 9.12 12.41
CA TYR C 49 2.31 8.50 11.14
C TYR C 49 1.72 7.09 11.03
N ASN C 50 1.77 6.52 9.82
CA ASN C 50 1.06 5.27 9.51
C ASN C 50 -0.40 5.24 10.03
N ALA C 51 -1.08 6.39 9.96
CA ALA C 51 -2.48 6.53 10.41
C ALA C 51 -2.74 6.45 11.93
N LYS C 52 -2.08 5.50 12.62
CA LYS C 52 -2.32 5.29 14.06
C LYS C 52 -1.08 5.42 14.97
N THR C 53 0.12 5.41 14.40
CA THR C 53 1.35 5.41 15.19
C THR C 53 1.70 6.82 15.66
N LEU C 54 1.84 6.98 16.97
CA LEU C 54 2.10 8.28 17.59
C LEU C 54 3.56 8.68 17.32
N ALA C 55 3.78 9.93 16.91
CA ALA C 55 5.12 10.43 16.60
C ALA C 55 5.91 10.62 17.88
N GLU C 56 7.22 10.84 17.76
CA GLU C 56 8.09 10.88 18.95
C GLU C 56 7.81 12.10 19.82
N GLY C 57 7.77 11.88 21.14
CA GLY C 57 7.55 12.95 22.13
C GLY C 57 6.27 13.71 21.89
N VAL C 58 5.15 12.99 21.94
CA VAL C 58 3.82 13.55 21.74
C VAL C 58 2.90 12.90 22.78
N PRO C 59 2.10 13.70 23.50
CA PRO C 59 1.30 13.11 24.59
C PRO C 59 0.29 12.06 24.13
N SER C 60 -0.02 11.13 25.02
CA SER C 60 -0.95 10.02 24.77
C SER C 60 -2.41 10.46 24.61
N ARG C 61 -2.71 11.71 24.93
CA ARG C 61 -4.05 12.26 24.75
C ARG C 61 -4.42 12.28 23.27
N PHE C 62 -3.41 12.53 22.42
CA PHE C 62 -3.55 12.41 20.97
C PHE C 62 -3.61 10.94 20.59
N SER C 63 -4.35 10.64 19.51
CA SER C 63 -4.43 9.30 18.96
C SER C 63 -5.15 9.34 17.61
N GLY C 64 -4.76 8.44 16.70
CA GLY C 64 -5.31 8.39 15.34
C GLY C 64 -6.00 7.07 15.12
N SER C 65 -6.98 7.04 14.23
CA SER C 65 -7.80 5.85 14.05
C SER C 65 -8.33 5.69 12.64
N GLY C 66 -8.77 4.48 12.32
CA GLY C 66 -9.43 4.18 11.05
C GLY C 66 -8.45 3.73 9.99
N SER C 67 -8.99 3.33 8.85
CA SER C 67 -8.19 2.90 7.70
C SER C 67 -8.95 3.06 6.40
N GLY C 68 -8.22 3.18 5.30
CA GLY C 68 -8.81 3.17 3.96
C GLY C 68 -9.30 4.54 3.48
N THR C 69 -10.55 4.86 3.84
CA THR C 69 -11.21 6.08 3.40
C THR C 69 -11.64 7.04 4.51
N GLN C 70 -11.80 6.55 5.74
CA GLN C 70 -12.27 7.39 6.85
C GLN C 70 -11.29 7.34 8.01
N PHE C 71 -10.74 8.51 8.38
CA PHE C 71 -9.77 8.63 9.45
C PHE C 71 -10.21 9.70 10.43
N SER C 72 -9.75 9.59 11.67
CA SER C 72 -10.05 10.58 12.71
C SER C 72 -8.87 10.77 13.65
N LEU C 73 -8.87 11.91 14.34
CA LEU C 73 -7.82 12.28 15.28
C LEU C 73 -8.48 12.72 16.57
N LYS C 74 -8.33 11.93 17.62
CA LYS C 74 -8.95 12.24 18.91
C LYS C 74 -7.95 12.94 19.82
N ILE C 75 -8.40 14.02 20.45
CA ILE C 75 -7.63 14.70 21.49
C ILE C 75 -8.39 14.62 22.81
N SER C 76 -7.84 13.90 23.78
CA SER C 76 -8.42 13.79 25.12
C SER C 76 -7.93 14.92 26.01
N SER C 77 -8.65 15.17 27.10
CA SER C 77 -8.28 16.25 28.05
C SER C 77 -7.42 17.34 27.40
N LEU C 78 -8.07 18.25 26.68
CA LEU C 78 -7.34 19.31 25.98
C LEU C 78 -6.56 20.21 26.94
N GLN C 79 -5.29 20.44 26.61
CA GLN C 79 -4.45 21.40 27.33
C GLN C 79 -4.39 22.69 26.50
N PRO C 80 -4.22 23.85 27.17
CA PRO C 80 -4.21 25.16 26.49
C PRO C 80 -3.38 25.23 25.21
N GLU C 81 -2.21 24.60 25.22
CA GLU C 81 -1.31 24.59 24.06
C GLU C 81 -1.89 23.90 22.82
N ASP C 82 -2.90 23.05 23.00
CA ASP C 82 -3.44 22.25 21.88
C ASP C 82 -4.25 23.04 20.84
N PHE C 83 -4.64 24.27 21.17
CA PHE C 83 -5.47 25.06 20.27
C PHE C 83 -4.59 25.59 19.16
N GLY C 84 -5.09 25.49 17.93
CA GLY C 84 -4.33 25.84 16.74
C GLY C 84 -4.94 25.16 15.54
N ASN C 85 -4.14 24.96 14.50
CA ASN C 85 -4.63 24.31 13.30
C ASN C 85 -4.11 22.88 13.17
N TYR C 86 -4.86 22.06 12.44
CA TYR C 86 -4.56 20.64 12.29
C TYR C 86 -4.78 20.21 10.85
N TYR C 87 -3.84 19.43 10.32
CA TYR C 87 -3.90 18.95 8.94
C TYR C 87 -3.65 17.45 8.84
N CYS C 88 -4.39 16.78 7.97
CA CYS C 88 -4.03 15.44 7.52
C CYS C 88 -3.33 15.56 6.16
N GLN C 89 -2.47 14.58 5.87
CA GLN C 89 -1.78 14.53 4.59
C GLN C 89 -1.59 13.10 4.16
N HIS C 90 -2.26 12.71 3.07
CA HIS C 90 -2.09 11.36 2.53
C HIS C 90 -0.77 11.32 1.77
N HIS C 91 -0.22 10.12 1.60
CA HIS C 91 0.96 9.94 0.76
C HIS C 91 0.94 8.61 -0.01
N TYR C 92 -0.24 8.20 -0.47
CA TYR C 92 -0.45 6.99 -1.27
C TYR C 92 0.36 6.99 -2.56
N GLY C 93 0.56 8.18 -3.14
CA GLY C 93 1.34 8.33 -4.37
C GLY C 93 1.76 9.78 -4.55
N THR C 94 0.78 10.63 -4.87
CA THR C 94 0.89 12.06 -4.58
C THR C 94 0.84 12.16 -3.06
N ARG C 95 0.89 13.37 -2.52
CA ARG C 95 0.78 13.50 -1.08
C ARG C 95 0.18 14.83 -0.65
N THR C 96 -1.08 15.00 -1.08
CA THR C 96 -1.82 16.25 -0.93
C THR C 96 -2.47 16.36 0.44
N PHE C 97 -2.62 17.60 0.91
CA PHE C 97 -3.18 17.88 2.23
C PHE C 97 -4.70 17.91 2.20
N GLY C 98 -5.30 17.95 3.39
CA GLY C 98 -6.69 18.38 3.54
C GLY C 98 -6.67 19.88 3.81
N GLY C 99 -7.85 20.50 3.88
CA GLY C 99 -7.95 21.95 4.04
C GLY C 99 -7.59 22.43 5.45
N GLY C 100 -7.64 21.51 6.40
CA GLY C 100 -7.22 21.80 7.75
C GLY C 100 -8.41 22.10 8.64
N THR C 101 -8.11 22.34 9.92
CA THR C 101 -9.12 22.66 10.93
C THR C 101 -8.52 23.56 12.00
N ARG C 102 -9.25 24.60 12.36
CA ARG C 102 -8.84 25.52 13.42
C ARG C 102 -9.58 25.16 14.70
N LEU C 103 -8.83 24.71 15.69
CA LEU C 103 -9.40 24.35 16.97
C LEU C 103 -9.53 25.64 17.79
N GLU C 104 -10.77 26.04 18.07
CA GLU C 104 -11.05 27.27 18.78
C GLU C 104 -11.16 27.08 20.29
N ILE C 105 -10.69 28.09 21.02
CA ILE C 105 -10.84 28.15 22.47
C ILE C 105 -12.23 28.73 22.76
N LYS C 106 -13.10 27.94 23.37
CA LYS C 106 -14.46 28.37 23.73
C LYS C 106 -14.43 29.45 24.81
N ARG C 107 -15.27 30.47 24.60
CA ARG C 107 -15.22 31.71 25.36
C ARG C 107 -16.64 32.19 25.59
N ALA C 108 -16.79 33.15 26.49
CA ALA C 108 -18.10 33.79 26.72
C ALA C 108 -18.47 34.61 25.49
N ASP C 109 -19.76 34.65 25.18
CA ASP C 109 -20.26 35.47 24.09
C ASP C 109 -20.09 36.97 24.40
N ALA C 110 -19.30 37.66 23.58
CA ALA C 110 -19.06 39.09 23.71
C ALA C 110 -19.48 39.83 22.43
N ALA C 111 -19.96 41.06 22.58
CA ALA C 111 -20.34 41.90 21.43
C ALA C 111 -19.15 42.77 20.97
N PRO C 112 -19.14 43.15 19.68
CA PRO C 112 -18.07 44.03 19.16
C PRO C 112 -18.27 45.50 19.54
N THR C 113 -17.21 46.13 20.05
CA THR C 113 -17.20 47.59 20.24
C THR C 113 -16.57 48.26 19.03
N VAL C 114 -17.30 49.23 18.47
CA VAL C 114 -16.97 49.87 17.21
C VAL C 114 -16.27 51.23 17.42
N SER C 115 -15.17 51.44 16.70
CA SER C 115 -14.53 52.75 16.58
C SER C 115 -14.45 53.15 15.10
N ILE C 116 -15.25 54.15 14.71
CA ILE C 116 -15.22 54.68 13.34
C ILE C 116 -14.18 55.82 13.24
N PHE C 117 -13.49 55.90 12.11
CA PHE C 117 -12.52 56.98 11.88
N VAL C 131 -11.95 56.15 5.40
CA VAL C 131 -12.64 55.89 6.65
C VAL C 131 -12.30 54.50 7.19
N VAL C 132 -12.04 54.42 8.49
CA VAL C 132 -11.60 53.18 9.11
C VAL C 132 -12.56 52.76 10.23
N CYS C 133 -12.84 51.46 10.29
CA CYS C 133 -13.81 50.94 11.27
C CYS C 133 -13.24 49.73 12.02
N PHE C 134 -13.14 49.82 13.35
CA PHE C 134 -12.61 48.72 14.16
C PHE C 134 -13.70 48.02 14.96
N LEU C 135 -14.17 46.88 14.47
CA LEU C 135 -15.09 46.03 15.23
C LEU C 135 -14.25 45.14 16.14
N ASN C 136 -13.88 45.68 17.29
CA ASN C 136 -12.90 45.05 18.18
C ASN C 136 -13.50 44.11 19.24
N ASN C 137 -12.80 42.99 19.47
CA ASN C 137 -13.05 42.08 20.61
C ASN C 137 -14.48 41.54 20.73
N PHE C 138 -14.85 40.68 19.77
CA PHE C 138 -16.17 40.03 19.78
C PHE C 138 -16.06 38.50 19.77
N TYR C 139 -17.09 37.84 20.28
CA TYR C 139 -17.17 36.39 20.24
C TYR C 139 -18.62 35.95 20.03
N PRO C 140 -18.87 35.03 19.08
CA PRO C 140 -17.92 34.26 18.27
C PRO C 140 -17.40 35.01 17.03
N LYS C 141 -16.56 34.34 16.24
CA LYS C 141 -15.93 34.97 15.07
C LYS C 141 -16.87 35.44 13.94
N ASP C 142 -18.09 34.92 13.90
CA ASP C 142 -18.99 35.17 12.76
C ASP C 142 -19.56 36.59 12.81
N ILE C 143 -19.23 37.40 11.81
CA ILE C 143 -19.60 38.82 11.81
C ILE C 143 -20.00 39.32 10.43
N ASN C 144 -20.54 40.54 10.38
CA ASN C 144 -20.97 41.18 9.14
C ASN C 144 -20.88 42.71 9.26
N VAL C 145 -20.37 43.38 8.22
CA VAL C 145 -20.16 44.82 8.27
C VAL C 145 -20.69 45.50 7.01
N LYS C 146 -21.52 46.54 7.18
CA LYS C 146 -22.09 47.32 6.08
C LYS C 146 -21.79 48.81 6.27
N TRP C 147 -21.56 49.51 5.15
CA TRP C 147 -21.28 50.96 5.17
C TRP C 147 -22.49 51.82 4.79
N LYS C 148 -22.36 53.13 5.03
CA LYS C 148 -23.44 54.09 4.76
C LYS C 148 -22.88 55.51 4.60
C GLY C 157 -14.64 49.63 -1.17
N VAL C 158 -14.55 48.45 -0.57
CA VAL C 158 -14.12 48.32 0.83
C VAL C 158 -13.26 47.07 1.04
N LEU C 159 -12.25 47.19 1.92
CA LEU C 159 -11.40 46.06 2.30
C LEU C 159 -11.76 45.57 3.70
N ASN C 160 -11.97 44.26 3.83
CA ASN C 160 -12.27 43.60 5.11
C ASN C 160 -11.13 42.68 5.54
N SER C 161 -10.64 42.86 6.76
CA SER C 161 -9.57 42.04 7.32
C SER C 161 -9.97 41.56 8.72
N TRP C 162 -9.35 40.47 9.16
CA TRP C 162 -9.72 39.77 10.38
C TRP C 162 -8.45 39.28 11.12
N THR C 163 -8.47 39.32 12.45
CA THR C 163 -7.38 38.72 13.21
C THR C 163 -7.75 37.30 13.62
N ASP C 164 -6.72 36.50 13.91
CA ASP C 164 -6.90 35.19 14.54
C ASP C 164 -7.52 35.39 15.93
N GLN C 165 -7.90 34.29 16.57
CA GLN C 165 -8.35 34.35 17.96
C GLN C 165 -7.19 34.84 18.81
N ASP C 166 -7.45 35.85 19.65
CA ASP C 166 -6.44 36.36 20.56
C ASP C 166 -6.25 35.38 21.71
N ASP C 169 -7.37 37.36 25.43
CA ASP C 169 -8.75 37.30 25.92
C ASP C 169 -9.66 36.37 25.08
N SER C 170 -9.09 35.68 24.10
CA SER C 170 -9.82 34.69 23.28
C SER C 170 -10.84 35.29 22.30
N THR C 171 -10.79 36.61 22.08
CA THR C 171 -11.76 37.28 21.20
C THR C 171 -11.18 37.61 19.83
N TYR C 172 -12.09 37.91 18.89
CA TYR C 172 -11.74 38.28 17.52
C TYR C 172 -11.97 39.76 17.30
N SER C 173 -11.24 40.31 16.33
CA SER C 173 -11.42 41.70 15.90
C SER C 173 -11.38 41.79 14.38
N MET C 174 -12.00 42.84 13.84
CA MET C 174 -12.02 43.08 12.41
C MET C 174 -11.74 44.54 12.10
N SER C 175 -11.07 44.78 10.97
CA SER C 175 -10.96 46.13 10.42
C SER C 175 -11.80 46.19 9.15
N SER C 176 -12.32 47.38 8.85
CA SER C 176 -12.95 47.64 7.55
C SER C 176 -12.65 49.06 7.11
N THR C 177 -12.15 49.21 5.89
CA THR C 177 -11.66 50.49 5.39
C THR C 177 -12.32 50.88 4.08
N LEU C 178 -13.01 52.03 4.09
CA LEU C 178 -13.71 52.58 2.93
C LEU C 178 -12.91 53.74 2.36
N THR C 179 -12.11 53.46 1.35
CA THR C 179 -11.25 54.49 0.73
C THR C 179 -12.00 55.31 -0.32
N LEU C 180 -11.98 56.62 -0.12
CA LEU C 180 -12.49 57.58 -1.10
C LEU C 180 -11.62 58.83 -1.06
N THR C 181 -10.96 59.16 -2.17
CA THR C 181 -10.09 60.33 -2.23
C THR C 181 -10.80 61.62 -1.83
N LYS C 182 -10.02 62.62 -1.44
CA LYS C 182 -10.54 63.89 -0.88
C LYS C 182 -11.62 64.55 -1.73
N ASP C 183 -11.49 64.47 -3.05
CA ASP C 183 -12.48 65.02 -3.98
C ASP C 183 -13.85 64.37 -3.79
N GLU C 184 -13.92 63.06 -4.07
CA GLU C 184 -15.17 62.29 -3.91
C GLU C 184 -15.77 62.43 -2.51
N TYR C 185 -14.95 62.18 -1.49
CA TYR C 185 -15.42 62.17 -0.11
C TYR C 185 -16.09 63.49 0.26
N THR C 192 -21.47 55.82 7.89
CA THR C 192 -21.74 54.97 9.04
C THR C 192 -21.16 53.57 8.85
N CYS C 193 -21.04 52.83 9.95
CA CYS C 193 -20.44 51.49 9.91
C CYS C 193 -21.32 50.50 10.70
N GLU C 194 -22.25 49.85 10.02
CA GLU C 194 -23.15 48.88 10.67
C GLU C 194 -22.46 47.53 10.90
N ALA C 195 -22.90 46.81 11.93
CA ALA C 195 -22.26 45.55 12.35
C ALA C 195 -23.26 44.52 12.90
N THR C 196 -23.56 43.49 12.10
CA THR C 196 -24.46 42.40 12.53
C THR C 196 -23.69 41.29 13.22
N HIS C 197 -24.23 40.79 14.34
CA HIS C 197 -23.57 39.77 15.16
C HIS C 197 -24.59 38.99 16.02
N LYS C 198 -24.27 37.74 16.34
CA LYS C 198 -25.17 36.85 17.09
C LYS C 198 -25.39 37.16 18.58
N THR C 199 -25.29 38.44 18.96
CA THR C 199 -25.64 38.91 20.30
C THR C 199 -26.99 39.63 20.26
N SER C 200 -27.13 40.56 19.33
CA SER C 200 -28.32 41.39 19.16
C SER C 200 -28.92 41.21 17.77
N THR C 201 -30.22 41.48 17.66
CA THR C 201 -30.93 41.30 16.39
C THR C 201 -30.65 42.44 15.42
N SER C 202 -30.42 43.63 15.97
CA SER C 202 -30.15 44.81 15.16
C SER C 202 -28.66 44.95 14.88
N PRO C 203 -28.32 45.72 13.85
CA PRO C 203 -26.96 46.23 13.68
C PRO C 203 -26.55 47.16 14.82
N ILE C 204 -25.28 47.55 14.84
CA ILE C 204 -24.81 48.57 15.77
C ILE C 204 -23.60 48.10 16.55
#